data_1UQW
#
_entry.id   1UQW
#
_cell.length_a   152.560
_cell.length_b   82.540
_cell.length_c   93.300
_cell.angle_alpha   90.00
_cell.angle_beta   90.00
_cell.angle_gamma   90.00
#
_symmetry.space_group_name_H-M   'P 21 21 2'
#
loop_
_entity.id
_entity.type
_entity.pdbx_description
1 polymer 'PUTATIVE BINDING PROTEIN YLIB'
2 non-polymer 'ZINC ION'
3 non-polymer GLYCEROL
4 water water
#
_entity_poly.entity_id   1
_entity_poly.type   'polypeptide(L)'
_entity_poly.pdbx_seq_one_letter_code
;SYYHHHHHHLESTSLYKKAGAFAAKDVVVAVGSNFTTLDPYDANDTLSQAVAKSFYQGLFGLDKE(MSE)KLKNVLAESY
TVSDDGITYTVKLREGIKFQDGTDFNAAAVKANLDRASDPANHLKRHNLYKNIAKTEAIDPTTVKITLKQPFSAFINILA
HPATA(MSE)ISPAALEKYGKEIGFYPVGTGPYELDTWNQTDFVKVKKFAGYWQPGLPKLDSITWRPVADNNTRAA
(MSE)LQTGEAQFAFPIPYEQATLLEKNKNIEL(MSE)ASPSI(MSE)QRYIS(MSE)NVTQKPFDNPKVREALNYAINR
PALVKVAFAGYATPATGVVPPSIAYAQSYKPWPYDPVKARELLKEAGYPNGFSTTLWSSHNHSTAQKVLQFTQQQLAQVG
IKAQVTA(MSE)DAGQRAAEVEGKGQKESGVR(MSE)FYTGWSASTGEADWALSPLFASQNWPPTLFNTAFYSNKQVDDF
LAQALKTNDPAEKTRLYKAAQDIIWQESPWIPLVVEKLVSAHSKNLTGFWI(MSE)PDTGFSFEDADLQ
;
_entity_poly.pdbx_strand_id   A,B
#
loop_
_chem_comp.id
_chem_comp.type
_chem_comp.name
_chem_comp.formula
GOL non-polymer GLYCEROL 'C3 H8 O3'
ZN non-polymer 'ZINC ION' 'Zn 2'
#
# COMPACT_ATOMS: atom_id res chain seq x y z
N ALA A 23 -42.66 41.31 25.54
CA ALA A 23 -41.34 40.63 25.75
C ALA A 23 -40.22 41.27 24.92
N ALA A 24 -39.05 41.42 25.52
CA ALA A 24 -37.90 42.05 24.86
C ALA A 24 -37.13 41.12 23.92
N LYS A 25 -37.03 41.51 22.65
CA LYS A 25 -36.32 40.71 21.66
C LYS A 25 -34.98 41.39 21.34
N ASP A 26 -33.93 40.96 22.03
CA ASP A 26 -32.59 41.52 21.85
C ASP A 26 -31.64 40.46 21.35
N VAL A 27 -31.32 40.47 20.06
CA VAL A 27 -30.41 39.48 19.52
C VAL A 27 -28.96 39.97 19.35
N VAL A 28 -28.03 39.04 19.51
CA VAL A 28 -26.61 39.33 19.36
C VAL A 28 -26.06 38.54 18.17
N VAL A 29 -25.39 39.24 17.27
CA VAL A 29 -24.81 38.61 16.10
C VAL A 29 -23.28 38.58 16.26
N ALA A 30 -22.68 37.39 16.18
CA ALA A 30 -21.23 37.31 16.32
C ALA A 30 -20.60 37.35 14.93
N VAL A 31 -19.94 38.46 14.61
CA VAL A 31 -19.31 38.62 13.30
C VAL A 31 -17.80 38.38 13.26
N GLY A 32 -17.23 38.47 12.06
CA GLY A 32 -15.81 38.16 11.91
C GLY A 32 -14.70 39.15 12.20
N SER A 33 -14.91 40.44 11.96
CA SER A 33 -13.86 41.41 12.19
C SER A 33 -14.40 42.68 12.78
N ASN A 34 -13.54 43.67 12.92
CA ASN A 34 -13.97 44.95 13.45
C ASN A 34 -14.56 45.73 12.30
N PHE A 35 -15.35 46.75 12.61
CA PHE A 35 -15.95 47.53 11.57
C PHE A 35 -15.05 48.70 11.24
N THR A 36 -15.07 49.11 9.99
CA THR A 36 -14.24 50.23 9.55
C THR A 36 -15.00 51.54 9.77
N THR A 37 -16.14 51.68 9.11
CA THR A 37 -16.96 52.88 9.24
C THR A 37 -18.41 52.55 9.04
N LEU A 38 -19.29 53.40 9.53
CA LEU A 38 -20.72 53.18 9.38
C LEU A 38 -21.30 54.02 8.25
N ASP A 39 -20.41 54.63 7.47
CA ASP A 39 -20.78 55.43 6.32
C ASP A 39 -20.45 54.53 5.14
N PRO A 40 -21.47 53.86 4.59
CA PRO A 40 -21.36 52.94 3.46
C PRO A 40 -20.46 53.38 2.31
N TYR A 41 -20.61 54.63 1.90
CA TYR A 41 -19.83 55.20 0.82
C TYR A 41 -18.33 55.18 1.09
N ASP A 42 -17.97 55.14 2.35
CA ASP A 42 -16.57 55.16 2.70
C ASP A 42 -16.04 53.82 3.18
N ALA A 43 -16.68 52.72 2.80
CA ALA A 43 -16.22 51.40 3.22
C ALA A 43 -15.96 50.42 2.07
N ASN A 44 -14.86 49.68 2.19
CA ASN A 44 -14.52 48.69 1.17
C ASN A 44 -14.83 47.27 1.64
N ASP A 45 -15.16 47.12 2.91
CA ASP A 45 -15.50 45.80 3.45
C ASP A 45 -17.01 45.68 3.54
N THR A 46 -17.52 44.56 3.04
CA THR A 46 -18.94 44.28 3.04
C THR A 46 -19.53 44.26 4.44
N LEU A 47 -18.82 43.64 5.38
CA LEU A 47 -19.30 43.56 6.76
C LEU A 47 -19.84 44.89 7.29
N SER A 48 -18.99 45.89 7.36
CA SER A 48 -19.41 47.20 7.84
C SER A 48 -20.63 47.72 7.08
N GLN A 49 -20.66 47.50 5.77
CA GLN A 49 -21.80 47.94 4.97
C GLN A 49 -23.06 47.18 5.38
N ALA A 50 -22.91 45.88 5.60
CA ALA A 50 -24.01 45.03 5.98
C ALA A 50 -24.61 45.45 7.32
N VAL A 51 -23.75 45.82 8.25
CA VAL A 51 -24.20 46.26 9.57
C VAL A 51 -24.86 47.62 9.45
N ALA A 52 -24.26 48.52 8.67
CA ALA A 52 -24.80 49.85 8.50
C ALA A 52 -26.20 49.78 7.86
N LYS A 53 -26.54 48.60 7.37
CA LYS A 53 -27.82 48.39 6.72
C LYS A 53 -28.90 48.42 7.82
N SER A 54 -28.45 48.46 9.07
CA SER A 54 -29.37 48.52 10.19
C SER A 54 -30.14 49.84 10.12
N PHE A 55 -29.42 50.90 9.78
CA PHE A 55 -30.01 52.22 9.70
C PHE A 55 -30.15 52.80 8.30
N TYR A 56 -29.55 52.16 7.31
CA TYR A 56 -29.62 52.67 5.95
C TYR A 56 -30.34 51.82 4.92
N GLN A 57 -30.98 52.49 3.97
CA GLN A 57 -31.69 51.82 2.89
C GLN A 57 -31.29 52.54 1.61
N GLY A 58 -31.38 51.84 0.47
CA GLY A 58 -31.04 52.47 -0.79
C GLY A 58 -32.27 52.56 -1.66
N LEU A 59 -32.13 53.14 -2.85
CA LEU A 59 -33.28 53.24 -3.75
C LEU A 59 -33.67 51.80 -4.06
N PHE A 60 -32.67 50.96 -4.25
CA PHE A 60 -32.91 49.57 -4.55
C PHE A 60 -31.98 48.71 -3.69
N GLY A 61 -32.06 47.39 -3.87
CA GLY A 61 -31.23 46.47 -3.13
C GLY A 61 -31.38 45.06 -3.68
N LEU A 62 -30.59 44.13 -3.18
CA LEU A 62 -30.66 42.74 -3.64
C LEU A 62 -31.13 41.83 -2.51
N ASP A 63 -31.95 40.83 -2.82
CA ASP A 63 -32.44 39.90 -1.80
C ASP A 63 -31.36 38.86 -1.53
N LYS A 64 -31.69 37.79 -0.79
CA LYS A 64 -30.68 36.77 -0.48
C LYS A 64 -30.33 35.86 -1.67
N GLU A 65 -31.05 36.01 -2.78
CA GLU A 65 -30.76 35.24 -3.99
C GLU A 65 -30.05 36.16 -4.97
N MSE A 66 -29.63 37.32 -4.47
CA MSE A 66 -28.93 38.31 -5.29
C MSE A 66 -29.84 38.92 -6.35
O MSE A 66 -29.38 39.28 -7.43
CB MSE A 66 -27.70 37.68 -5.94
CG MSE A 66 -26.38 38.34 -5.57
SE MSE A 66 -26.16 38.72 -3.65
CE MSE A 66 -25.02 40.27 -3.76
N LYS A 67 -31.13 39.03 -6.03
CA LYS A 67 -32.10 39.61 -6.94
C LYS A 67 -32.51 41.07 -6.63
N LEU A 68 -32.81 41.81 -7.68
CA LEU A 68 -33.19 43.21 -7.59
C LEU A 68 -34.53 43.48 -6.89
N LYS A 69 -34.56 44.51 -6.05
CA LYS A 69 -35.78 44.89 -5.34
C LYS A 69 -35.86 46.40 -5.30
N ASN A 70 -37.08 46.93 -5.24
CA ASN A 70 -37.27 48.37 -5.13
C ASN A 70 -37.36 48.58 -3.63
N VAL A 71 -36.60 49.52 -3.09
CA VAL A 71 -36.69 49.75 -1.65
C VAL A 71 -37.30 51.12 -1.39
N LEU A 72 -36.48 52.15 -1.32
CA LEU A 72 -37.00 53.49 -1.10
C LEU A 72 -37.58 53.99 -2.41
N ALA A 73 -37.24 53.31 -3.50
CA ALA A 73 -37.74 53.67 -4.81
C ALA A 73 -39.03 52.90 -5.15
N GLU A 74 -39.97 53.60 -5.76
CA GLU A 74 -41.24 53.02 -6.16
C GLU A 74 -41.02 52.32 -7.49
N SER A 75 -40.40 53.01 -8.43
CA SER A 75 -40.11 52.46 -9.75
C SER A 75 -39.15 53.38 -10.49
N TYR A 76 -38.74 52.98 -11.69
CA TYR A 76 -37.84 53.81 -12.46
C TYR A 76 -37.95 53.59 -13.97
N THR A 77 -37.46 54.56 -14.72
CA THR A 77 -37.48 54.51 -16.17
C THR A 77 -36.11 54.91 -16.69
N VAL A 78 -35.75 54.39 -17.86
CA VAL A 78 -34.48 54.74 -18.46
C VAL A 78 -34.69 55.00 -19.94
N SER A 79 -34.09 56.07 -20.42
CA SER A 79 -34.19 56.44 -21.83
C SER A 79 -33.46 55.41 -22.69
N ASP A 80 -33.88 55.27 -23.95
CA ASP A 80 -33.22 54.33 -24.85
C ASP A 80 -31.79 54.81 -25.03
N ASP A 81 -31.56 56.06 -24.63
CA ASP A 81 -30.27 56.69 -24.72
C ASP A 81 -29.34 56.13 -23.62
N GLY A 82 -29.93 55.36 -22.69
CA GLY A 82 -29.16 54.79 -21.61
C GLY A 82 -28.51 55.85 -20.72
N ILE A 83 -28.72 57.11 -21.09
CA ILE A 83 -28.16 58.24 -20.37
C ILE A 83 -28.96 58.80 -19.22
N THR A 84 -30.30 58.72 -19.31
CA THR A 84 -31.16 59.27 -18.28
C THR A 84 -32.02 58.28 -17.49
N TYR A 85 -31.87 58.33 -16.16
CA TYR A 85 -32.63 57.46 -15.27
C TYR A 85 -33.59 58.31 -14.45
N THR A 86 -34.87 57.99 -14.53
CA THR A 86 -35.90 58.73 -13.81
C THR A 86 -36.51 57.85 -12.71
N VAL A 87 -36.21 58.16 -11.46
CA VAL A 87 -36.71 57.36 -10.34
C VAL A 87 -37.86 57.97 -9.53
N LYS A 88 -38.92 57.18 -9.36
CA LYS A 88 -40.09 57.58 -8.59
C LYS A 88 -39.85 57.09 -7.16
N LEU A 89 -40.14 57.93 -6.17
CA LEU A 89 -39.91 57.56 -4.77
C LEU A 89 -41.21 57.36 -4.00
N ARG A 90 -41.12 56.69 -2.86
CA ARG A 90 -42.29 56.46 -2.02
C ARG A 90 -42.43 57.68 -1.12
N GLU A 91 -43.63 58.26 -1.04
CA GLU A 91 -43.81 59.44 -0.19
C GLU A 91 -44.11 59.08 1.25
N GLY A 92 -43.86 60.04 2.14
CA GLY A 92 -44.14 59.86 3.56
C GLY A 92 -43.07 59.21 4.39
N ILE A 93 -41.93 58.92 3.78
CA ILE A 93 -40.87 58.29 4.55
C ILE A 93 -40.05 59.36 5.28
N LYS A 94 -39.72 59.07 6.53
CA LYS A 94 -38.95 60.00 7.36
C LYS A 94 -37.59 59.44 7.73
N PHE A 95 -36.62 60.32 7.93
CA PHE A 95 -35.31 59.87 8.38
C PHE A 95 -35.48 59.74 9.89
N GLN A 96 -34.51 59.11 10.54
CA GLN A 96 -34.57 58.90 11.98
C GLN A 96 -34.49 60.19 12.81
N ASP A 97 -34.17 61.31 12.17
CA ASP A 97 -34.09 62.59 12.86
C ASP A 97 -35.32 63.47 12.65
N GLY A 98 -36.38 62.89 12.11
CA GLY A 98 -37.59 63.66 11.89
C GLY A 98 -37.74 64.28 10.51
N THR A 99 -36.63 64.40 9.80
CA THR A 99 -36.68 64.99 8.46
C THR A 99 -37.27 64.06 7.40
N ASP A 100 -37.60 64.65 6.25
CA ASP A 100 -38.19 63.91 5.14
C ASP A 100 -37.22 63.31 4.13
N PHE A 101 -37.59 62.13 3.61
CA PHE A 101 -36.81 61.50 2.57
C PHE A 101 -37.48 61.97 1.28
N ASN A 102 -36.70 62.57 0.38
CA ASN A 102 -37.28 63.06 -0.86
C ASN A 102 -36.24 63.16 -1.95
N ALA A 103 -36.69 63.54 -3.14
CA ALA A 103 -35.80 63.70 -4.28
C ALA A 103 -34.58 64.55 -3.97
N ALA A 104 -34.74 65.52 -3.07
CA ALA A 104 -33.64 66.41 -2.69
C ALA A 104 -32.58 65.70 -1.88
N ALA A 105 -33.02 64.83 -0.96
CA ALA A 105 -32.11 64.08 -0.14
C ALA A 105 -31.34 63.07 -0.99
N VAL A 106 -32.00 62.54 -2.01
CA VAL A 106 -31.35 61.58 -2.89
C VAL A 106 -30.28 62.32 -3.66
N LYS A 107 -30.63 63.53 -4.08
CA LYS A 107 -29.73 64.38 -4.82
C LYS A 107 -28.49 64.66 -3.96
N ALA A 108 -28.73 65.07 -2.71
CA ALA A 108 -27.64 65.37 -1.78
C ALA A 108 -26.71 64.17 -1.52
N ASN A 109 -27.29 62.99 -1.49
CA ASN A 109 -26.51 61.79 -1.25
C ASN A 109 -25.70 61.43 -2.46
N LEU A 110 -26.26 61.66 -3.64
CA LEU A 110 -25.57 61.35 -4.88
C LEU A 110 -24.52 62.41 -5.22
N ASP A 111 -24.84 63.69 -5.04
CA ASP A 111 -23.87 64.74 -5.34
C ASP A 111 -22.60 64.50 -4.54
N ARG A 112 -22.78 64.22 -3.24
CA ARG A 112 -21.67 63.97 -2.35
C ARG A 112 -20.83 62.77 -2.78
N ALA A 113 -21.49 61.67 -3.10
CA ALA A 113 -20.77 60.48 -3.51
C ALA A 113 -19.95 60.69 -4.79
N SER A 114 -20.48 61.50 -5.71
CA SER A 114 -19.79 61.72 -6.97
C SER A 114 -18.80 62.90 -6.97
N ASP A 115 -18.64 63.54 -5.81
CA ASP A 115 -17.71 64.65 -5.72
C ASP A 115 -16.34 64.10 -5.29
N PRO A 116 -15.37 64.09 -6.22
CA PRO A 116 -14.03 63.59 -5.93
C PRO A 116 -13.37 64.28 -4.74
N ALA A 117 -13.72 65.54 -4.52
CA ALA A 117 -13.14 66.29 -3.41
C ALA A 117 -13.43 65.62 -2.07
N ASN A 118 -14.47 64.77 -2.04
CA ASN A 118 -14.83 64.09 -0.81
C ASN A 118 -13.95 62.87 -0.54
N HIS A 119 -13.28 62.42 -1.60
CA HIS A 119 -12.40 61.26 -1.54
C HIS A 119 -12.97 60.14 -0.67
N LEU A 120 -14.16 59.69 -1.05
CA LEU A 120 -14.86 58.60 -0.38
C LEU A 120 -14.41 57.33 -1.09
N LYS A 121 -14.01 56.33 -0.31
CA LYS A 121 -13.54 55.09 -0.87
C LYS A 121 -14.31 54.50 -2.06
N ARG A 122 -15.63 54.66 -2.09
CA ARG A 122 -16.38 54.08 -3.21
C ARG A 122 -16.70 55.09 -4.31
N HIS A 123 -15.83 56.08 -4.48
CA HIS A 123 -16.02 57.10 -5.52
C HIS A 123 -16.26 56.47 -6.88
N ASN A 124 -15.42 55.52 -7.27
CA ASN A 124 -15.55 54.87 -8.57
C ASN A 124 -16.94 54.33 -8.93
N LEU A 125 -17.81 54.14 -7.95
CA LEU A 125 -19.14 53.64 -8.25
C LEU A 125 -20.10 54.76 -8.65
N TYR A 126 -19.64 56.01 -8.57
CA TYR A 126 -20.51 57.14 -8.88
C TYR A 126 -19.92 58.23 -9.75
N LYS A 127 -18.66 58.08 -10.16
CA LYS A 127 -18.04 59.11 -10.99
C LYS A 127 -18.68 59.25 -12.35
N ASN A 128 -19.45 58.25 -12.78
CA ASN A 128 -20.10 58.30 -14.09
C ASN A 128 -21.41 59.10 -14.06
N ILE A 129 -21.80 59.53 -12.86
CA ILE A 129 -23.02 60.32 -12.69
C ILE A 129 -22.70 61.77 -13.03
N ALA A 130 -23.28 62.26 -14.11
CA ALA A 130 -23.05 63.65 -14.52
C ALA A 130 -23.80 64.61 -13.57
N LYS A 131 -25.07 64.34 -13.33
CA LYS A 131 -25.84 65.18 -12.43
C LYS A 131 -27.11 64.53 -11.95
N THR A 132 -27.61 65.01 -10.81
CA THR A 132 -28.84 64.51 -10.22
C THR A 132 -29.77 65.70 -10.05
N GLU A 133 -30.99 65.56 -10.57
CA GLU A 133 -31.97 66.62 -10.47
C GLU A 133 -33.20 66.16 -9.71
N ALA A 134 -33.72 67.04 -8.88
CA ALA A 134 -34.92 66.77 -8.12
C ALA A 134 -36.01 67.48 -8.91
N ILE A 135 -36.76 66.71 -9.70
CA ILE A 135 -37.83 67.26 -10.53
C ILE A 135 -38.96 67.70 -9.60
N ASP A 136 -39.19 66.90 -8.56
CA ASP A 136 -40.22 67.17 -7.56
C ASP A 136 -39.95 66.25 -6.39
N PRO A 137 -40.54 66.52 -5.23
CA PRO A 137 -40.33 65.68 -4.04
C PRO A 137 -40.25 64.17 -4.27
N THR A 138 -40.97 63.65 -5.27
CA THR A 138 -40.97 62.23 -5.53
C THR A 138 -40.45 61.81 -6.90
N THR A 139 -39.64 62.67 -7.53
CA THR A 139 -39.10 62.37 -8.83
C THR A 139 -37.65 62.79 -8.93
N VAL A 140 -36.78 61.84 -9.24
CA VAL A 140 -35.34 62.11 -9.35
C VAL A 140 -34.84 61.77 -10.75
N LYS A 141 -34.15 62.71 -11.37
CA LYS A 141 -33.63 62.49 -12.71
C LYS A 141 -32.10 62.39 -12.67
N ILE A 142 -31.59 61.19 -12.92
CA ILE A 142 -30.16 60.97 -12.90
C ILE A 142 -29.63 60.79 -14.32
N THR A 143 -28.63 61.57 -14.70
CA THR A 143 -28.08 61.45 -16.04
C THR A 143 -26.62 61.01 -15.96
N LEU A 144 -26.29 59.93 -16.65
CA LEU A 144 -24.93 59.43 -16.64
C LEU A 144 -24.09 60.10 -17.72
N LYS A 145 -22.78 60.08 -17.53
CA LYS A 145 -21.86 60.66 -18.49
C LYS A 145 -21.87 59.72 -19.68
N GLN A 146 -21.72 58.44 -19.41
CA GLN A 146 -21.72 57.43 -20.45
C GLN A 146 -22.66 56.29 -20.05
N PRO A 147 -23.24 55.60 -21.04
CA PRO A 147 -24.16 54.49 -20.77
C PRO A 147 -23.51 53.50 -19.80
N PHE A 148 -24.32 52.72 -19.09
CA PHE A 148 -23.80 51.74 -18.13
C PHE A 148 -24.97 50.96 -17.53
N SER A 149 -25.49 50.00 -18.29
CA SER A 149 -26.61 49.21 -17.84
C SER A 149 -26.50 48.63 -16.41
N ALA A 150 -25.29 48.54 -15.87
CA ALA A 150 -25.11 48.00 -14.52
C ALA A 150 -25.36 49.07 -13.45
N PHE A 151 -25.76 50.26 -13.89
CA PHE A 151 -26.02 51.36 -12.98
C PHE A 151 -27.13 51.04 -11.97
N ILE A 152 -28.17 50.36 -12.42
CA ILE A 152 -29.26 50.00 -11.53
C ILE A 152 -28.67 49.16 -10.40
N ASN A 153 -27.68 48.34 -10.74
CA ASN A 153 -27.03 47.49 -9.76
C ASN A 153 -26.22 48.31 -8.77
N ILE A 154 -25.65 49.41 -9.25
CA ILE A 154 -24.88 50.27 -8.36
C ILE A 154 -25.82 50.90 -7.35
N LEU A 155 -27.06 51.16 -7.77
CA LEU A 155 -28.06 51.76 -6.90
C LEU A 155 -28.59 50.75 -5.87
N ALA A 156 -28.41 49.46 -6.15
CA ALA A 156 -28.86 48.40 -5.25
C ALA A 156 -27.70 47.93 -4.37
N HIS A 157 -26.54 48.52 -4.58
CA HIS A 157 -25.36 48.17 -3.81
C HIS A 157 -25.47 48.75 -2.42
N PRO A 158 -25.07 47.99 -1.40
CA PRO A 158 -25.14 48.46 -0.01
C PRO A 158 -24.32 49.72 0.30
N ALA A 159 -23.59 50.23 -0.68
CA ALA A 159 -22.78 51.43 -0.48
C ALA A 159 -23.61 52.69 -0.70
N THR A 160 -24.54 52.61 -1.64
CA THR A 160 -25.39 53.73 -2.00
C THR A 160 -26.52 53.88 -0.99
N ALA A 161 -26.19 54.40 0.18
CA ALA A 161 -27.19 54.57 1.23
C ALA A 161 -27.78 55.99 1.21
N MSE A 162 -29.06 56.09 1.58
CA MSE A 162 -29.70 57.39 1.61
C MSE A 162 -29.53 57.93 3.02
O MSE A 162 -30.25 57.55 3.95
CB MSE A 162 -31.18 57.28 1.26
CG MSE A 162 -31.44 56.83 -0.18
SE MSE A 162 -30.68 58.04 -1.51
CE MSE A 162 -29.10 57.05 -2.05
N ILE A 163 -28.54 58.82 3.17
CA ILE A 163 -28.26 59.41 4.46
C ILE A 163 -29.03 60.73 4.64
N SER A 164 -29.23 61.12 5.89
CA SER A 164 -29.94 62.35 6.18
C SER A 164 -29.12 63.59 5.80
N PRO A 165 -29.65 64.42 4.91
CA PRO A 165 -28.91 65.63 4.52
C PRO A 165 -28.58 66.42 5.80
N ALA A 166 -29.56 66.51 6.70
CA ALA A 166 -29.37 67.22 7.96
C ALA A 166 -28.21 66.63 8.77
N ALA A 167 -28.15 65.31 8.85
CA ALA A 167 -27.08 64.62 9.58
C ALA A 167 -25.75 64.80 8.86
N LEU A 168 -25.79 64.87 7.52
CA LEU A 168 -24.57 65.06 6.76
C LEU A 168 -23.95 66.40 7.15
N GLU A 169 -24.82 67.38 7.44
CA GLU A 169 -24.38 68.70 7.82
C GLU A 169 -23.99 68.82 9.28
N LYS A 170 -24.73 68.15 10.15
CA LYS A 170 -24.42 68.23 11.58
C LYS A 170 -23.12 67.50 11.94
N TYR A 171 -22.87 66.37 11.30
CA TYR A 171 -21.68 65.59 11.61
C TYR A 171 -20.52 65.79 10.65
N GLY A 172 -20.83 66.25 9.44
CA GLY A 172 -19.78 66.47 8.45
C GLY A 172 -18.94 65.24 8.15
N LYS A 173 -17.65 65.32 8.45
CA LYS A 173 -16.74 64.23 8.18
C LYS A 173 -16.72 63.12 9.23
N GLU A 174 -17.53 63.28 10.27
CA GLU A 174 -17.61 62.26 11.30
C GLU A 174 -18.91 61.46 11.12
N ILE A 175 -19.64 61.75 10.03
CA ILE A 175 -20.90 61.09 9.71
C ILE A 175 -20.81 59.56 9.80
N GLY A 176 -19.61 59.02 9.58
CA GLY A 176 -19.41 57.60 9.62
C GLY A 176 -19.52 56.99 11.01
N PHE A 177 -19.55 57.84 12.04
CA PHE A 177 -19.67 57.36 13.42
C PHE A 177 -21.11 57.47 13.91
N TYR A 178 -21.82 58.48 13.42
CA TYR A 178 -23.19 58.72 13.84
C TYR A 178 -24.17 58.67 12.68
N PRO A 179 -24.45 57.48 12.17
CA PRO A 179 -25.38 57.34 11.05
C PRO A 179 -26.82 57.74 11.36
N VAL A 180 -27.49 58.29 10.36
CA VAL A 180 -28.87 58.70 10.49
C VAL A 180 -29.52 58.39 9.15
N GLY A 181 -30.36 57.36 9.13
CA GLY A 181 -31.01 56.98 7.89
C GLY A 181 -32.50 56.77 8.02
N THR A 182 -33.04 55.96 7.12
CA THR A 182 -34.47 55.66 7.10
C THR A 182 -34.76 54.24 7.58
N GLY A 183 -33.70 53.49 7.91
CA GLY A 183 -33.83 52.11 8.35
C GLY A 183 -34.60 51.85 9.64
N PRO A 184 -34.91 50.58 9.93
CA PRO A 184 -35.64 50.14 11.13
C PRO A 184 -34.93 50.28 12.48
N TYR A 185 -33.63 50.57 12.47
CA TYR A 185 -32.90 50.72 13.72
C TYR A 185 -32.11 52.01 13.79
N GLU A 186 -31.94 52.53 15.00
CA GLU A 186 -31.18 53.76 15.25
C GLU A 186 -29.94 53.36 16.02
N LEU A 187 -28.88 54.16 15.89
CA LEU A 187 -27.66 53.86 16.61
C LEU A 187 -27.89 54.05 18.10
N ASP A 188 -27.67 52.99 18.87
CA ASP A 188 -27.82 53.09 20.30
C ASP A 188 -26.46 53.58 20.82
N THR A 189 -25.42 52.83 20.46
CA THR A 189 -24.07 53.16 20.88
C THR A 189 -23.06 52.33 20.12
N TRP A 190 -21.85 52.87 19.95
CA TRP A 190 -20.78 52.15 19.27
C TRP A 190 -19.48 52.23 20.08
N ASN A 191 -18.96 51.09 20.48
CA ASN A 191 -17.70 50.98 21.23
C ASN A 191 -16.66 50.49 20.21
N GLN A 192 -16.00 51.42 19.54
CA GLN A 192 -15.00 51.14 18.51
C GLN A 192 -14.49 49.71 18.35
N THR A 193 -14.16 49.06 19.46
CA THR A 193 -13.66 47.69 19.39
C THR A 193 -14.66 46.66 19.88
N ASP A 194 -15.47 47.03 20.87
CA ASP A 194 -16.45 46.11 21.44
C ASP A 194 -17.65 45.71 20.59
N PHE A 195 -18.45 46.68 20.13
CA PHE A 195 -19.65 46.34 19.37
C PHE A 195 -20.46 47.51 18.84
N VAL A 196 -21.43 47.19 17.99
CA VAL A 196 -22.32 48.20 17.42
C VAL A 196 -23.74 47.81 17.82
N LYS A 197 -24.33 48.54 18.76
CA LYS A 197 -25.69 48.25 19.19
C LYS A 197 -26.67 49.24 18.60
N VAL A 198 -27.72 48.72 17.98
CA VAL A 198 -28.74 49.55 17.36
C VAL A 198 -30.07 49.20 17.98
N LYS A 199 -30.95 50.19 18.12
CA LYS A 199 -32.27 50.00 18.71
C LYS A 199 -33.41 50.32 17.76
N LYS A 200 -34.53 49.64 17.96
CA LYS A 200 -35.75 49.79 17.16
C LYS A 200 -36.17 51.25 16.96
N PHE A 201 -36.39 51.62 15.71
CA PHE A 201 -36.81 52.97 15.33
C PHE A 201 -38.34 53.06 15.23
N ALA A 202 -38.97 53.67 16.24
CA ALA A 202 -40.42 53.80 16.27
C ALA A 202 -41.06 54.43 15.02
N GLY A 203 -40.37 55.37 14.38
CA GLY A 203 -40.93 56.00 13.19
C GLY A 203 -40.63 55.33 11.85
N TYR A 204 -40.27 54.05 11.89
CA TYR A 204 -39.95 53.35 10.66
C TYR A 204 -41.17 53.32 9.71
N TRP A 205 -40.95 53.71 8.46
CA TRP A 205 -42.01 53.77 7.45
C TRP A 205 -42.84 52.53 7.17
N GLN A 206 -42.38 51.36 7.60
CA GLN A 206 -43.15 50.14 7.40
C GLN A 206 -43.81 49.75 8.72
N PRO A 207 -45.16 49.79 8.77
CA PRO A 207 -45.86 49.44 10.00
C PRO A 207 -45.63 47.98 10.37
N GLY A 208 -45.34 47.75 11.64
CA GLY A 208 -45.10 46.39 12.09
C GLY A 208 -43.64 45.97 12.10
N LEU A 209 -42.74 46.84 11.66
CA LEU A 209 -41.33 46.51 11.64
C LEU A 209 -40.50 47.58 12.32
N PRO A 210 -39.34 47.19 12.87
CA PRO A 210 -38.84 45.80 12.85
C PRO A 210 -39.50 45.07 14.02
N LYS A 211 -39.33 43.75 14.08
CA LYS A 211 -39.92 42.98 15.17
C LYS A 211 -39.00 42.99 16.38
N LEU A 212 -37.69 43.11 16.12
CA LEU A 212 -36.69 43.10 17.18
C LEU A 212 -36.58 44.44 17.88
N ASP A 213 -36.19 44.43 19.16
CA ASP A 213 -36.03 45.64 19.92
C ASP A 213 -34.61 46.17 19.77
N SER A 214 -33.67 45.25 19.54
CA SER A 214 -32.29 45.67 19.37
C SER A 214 -31.44 44.57 18.76
N ILE A 215 -30.37 44.99 18.10
CA ILE A 215 -29.43 44.06 17.51
C ILE A 215 -28.08 44.52 18.02
N THR A 216 -27.22 43.57 18.38
CA THR A 216 -25.88 43.90 18.85
C THR A 216 -24.88 43.16 18.00
N TRP A 217 -24.20 43.89 17.12
CA TRP A 217 -23.20 43.28 16.25
C TRP A 217 -21.85 43.21 16.96
N ARG A 218 -21.44 42.01 17.33
CA ARG A 218 -20.18 41.80 18.05
C ARG A 218 -19.06 41.12 17.29
N PRO A 219 -17.95 41.85 17.09
CA PRO A 219 -16.78 41.31 16.38
C PRO A 219 -16.13 40.29 17.30
N VAL A 220 -15.78 39.13 16.74
CA VAL A 220 -15.14 38.08 17.51
C VAL A 220 -14.11 37.52 16.56
N ALA A 221 -12.87 37.93 16.76
CA ALA A 221 -11.76 37.50 15.93
C ALA A 221 -11.42 36.03 16.07
N ASP A 222 -11.50 35.50 17.29
CA ASP A 222 -11.21 34.08 17.48
C ASP A 222 -12.35 33.27 16.87
N ASN A 223 -12.04 32.53 15.81
CA ASN A 223 -13.03 31.72 15.11
C ASN A 223 -13.74 30.68 15.98
N ASN A 224 -12.98 29.95 16.78
CA ASN A 224 -13.59 28.92 17.64
C ASN A 224 -14.52 29.56 18.66
N THR A 225 -14.19 30.75 19.14
CA THR A 225 -15.03 31.44 20.11
C THR A 225 -16.35 31.88 19.48
N ARG A 226 -16.28 32.32 18.22
CA ARG A 226 -17.46 32.76 17.49
C ARG A 226 -18.51 31.64 17.47
N ALA A 227 -18.10 30.43 17.08
CA ALA A 227 -19.03 29.30 17.02
C ALA A 227 -19.49 28.91 18.42
N ALA A 228 -18.57 29.01 19.38
CA ALA A 228 -18.85 28.67 20.77
C ALA A 228 -20.00 29.47 21.37
N MSE A 229 -20.11 30.73 20.97
CA MSE A 229 -21.16 31.58 21.51
C MSE A 229 -22.57 31.13 21.13
O MSE A 229 -23.52 31.35 21.88
CB MSE A 229 -20.93 33.03 21.09
CG MSE A 229 -19.81 33.68 21.88
SE MSE A 229 -19.33 35.41 21.19
CE MSE A 229 -21.07 36.23 21.16
N LEU A 230 -22.72 30.52 19.95
CA LEU A 230 -24.03 30.02 19.55
C LEU A 230 -24.39 28.90 20.51
N GLN A 231 -23.36 28.15 20.93
CA GLN A 231 -23.49 27.04 21.85
C GLN A 231 -24.10 27.46 23.19
N THR A 232 -23.46 28.43 23.83
CA THR A 232 -23.89 28.93 25.13
C THR A 232 -25.16 29.76 25.04
N GLY A 233 -25.49 30.20 23.84
CA GLY A 233 -26.66 31.03 23.69
C GLY A 233 -26.25 32.49 23.74
N GLU A 234 -24.97 32.75 24.02
CA GLU A 234 -24.46 34.12 24.09
C GLU A 234 -24.74 34.94 22.81
N ALA A 235 -24.80 34.26 21.67
CA ALA A 235 -25.10 34.91 20.40
C ALA A 235 -26.19 34.07 19.71
N GLN A 236 -27.06 34.73 18.95
CA GLN A 236 -28.12 34.01 18.26
C GLN A 236 -27.81 33.76 16.78
N PHE A 237 -26.78 34.45 16.27
CA PHE A 237 -26.38 34.29 14.88
C PHE A 237 -24.87 34.50 14.78
N ALA A 238 -24.21 33.76 13.89
CA ALA A 238 -22.76 33.90 13.75
C ALA A 238 -22.27 33.57 12.34
N PHE A 239 -21.17 34.23 11.93
CA PHE A 239 -20.58 34.03 10.62
C PHE A 239 -19.25 34.79 10.50
N PRO A 240 -18.22 34.15 9.92
CA PRO A 240 -18.20 32.79 9.36
C PRO A 240 -18.02 31.74 10.45
N ILE A 241 -18.19 30.48 10.08
CA ILE A 241 -18.02 29.39 11.04
C ILE A 241 -16.89 28.47 10.60
N PRO A 242 -15.89 28.28 11.48
CA PRO A 242 -14.76 27.41 11.17
C PRO A 242 -15.22 26.01 10.81
N TYR A 243 -14.47 25.35 9.94
CA TYR A 243 -14.79 24.01 9.47
C TYR A 243 -14.87 22.96 10.59
N GLU A 244 -13.94 23.03 11.53
CA GLU A 244 -13.92 22.09 12.65
C GLU A 244 -15.18 22.24 13.51
N GLN A 245 -15.61 23.47 13.74
CA GLN A 245 -16.78 23.75 14.55
C GLN A 245 -18.11 23.45 13.85
N ALA A 246 -18.06 23.27 12.54
CA ALA A 246 -19.25 23.01 11.73
C ALA A 246 -20.05 21.78 12.16
N THR A 247 -19.36 20.64 12.24
CA THR A 247 -20.01 19.40 12.63
C THR A 247 -20.66 19.56 14.01
N LEU A 248 -19.89 20.03 14.99
CA LEU A 248 -20.40 20.25 16.34
C LEU A 248 -21.77 20.93 16.30
N LEU A 249 -21.82 22.11 15.70
CA LEU A 249 -23.06 22.89 15.60
C LEU A 249 -24.19 22.19 14.87
N GLU A 250 -23.91 21.59 13.71
CA GLU A 250 -24.97 20.92 12.97
C GLU A 250 -25.61 19.80 13.77
N LYS A 251 -24.87 19.25 14.73
CA LYS A 251 -25.38 18.17 15.56
C LYS A 251 -26.31 18.71 16.65
N ASN A 252 -26.21 20.00 16.95
CA ASN A 252 -27.04 20.61 17.97
C ASN A 252 -28.44 20.88 17.41
N LYS A 253 -29.46 20.47 18.14
CA LYS A 253 -30.84 20.65 17.69
C LYS A 253 -31.37 22.08 17.87
N ASN A 254 -30.71 22.86 18.70
CA ASN A 254 -31.13 24.25 18.93
C ASN A 254 -30.48 25.17 17.91
N ILE A 255 -29.51 24.65 17.16
CA ILE A 255 -28.81 25.45 16.17
C ILE A 255 -28.96 24.97 14.74
N GLU A 256 -29.16 25.93 13.84
CA GLU A 256 -29.33 25.66 12.42
C GLU A 256 -28.03 26.05 11.69
N LEU A 257 -27.37 25.08 11.10
CA LEU A 257 -26.13 25.37 10.39
C LEU A 257 -26.35 25.26 8.90
N MSE A 258 -26.03 26.34 8.19
CA MSE A 258 -26.21 26.39 6.75
C MSE A 258 -24.94 26.55 5.94
O MSE A 258 -24.00 27.22 6.33
CB MSE A 258 -27.15 27.52 6.37
CG MSE A 258 -28.63 27.20 6.45
SE MSE A 258 -29.62 28.59 5.56
CE MSE A 258 -29.76 29.84 7.03
N ALA A 259 -24.95 25.91 4.77
CA ALA A 259 -23.86 25.98 3.82
C ALA A 259 -24.50 26.59 2.59
N SER A 260 -24.43 27.92 2.46
CA SER A 260 -25.04 28.59 1.33
C SER A 260 -24.08 29.03 0.25
N PRO A 261 -24.62 29.27 -0.95
CA PRO A 261 -23.77 29.68 -2.08
C PRO A 261 -23.17 31.06 -1.85
N SER A 262 -21.95 31.25 -2.32
CA SER A 262 -21.29 32.53 -2.19
C SER A 262 -21.00 33.06 -3.58
N ILE A 263 -20.28 34.17 -3.65
CA ILE A 263 -19.93 34.75 -4.94
C ILE A 263 -18.41 34.88 -5.03
N MSE A 264 -17.72 34.03 -4.28
CA MSE A 264 -16.27 34.04 -4.28
C MSE A 264 -15.77 33.00 -5.26
O MSE A 264 -15.98 31.79 -5.08
CB MSE A 264 -15.72 33.70 -2.89
CG MSE A 264 -14.20 33.68 -2.82
SE MSE A 264 -13.41 35.39 -3.30
CE MSE A 264 -13.70 36.32 -1.62
N GLN A 265 -15.12 33.48 -6.32
CA GLN A 265 -14.57 32.62 -7.36
C GLN A 265 -13.11 32.39 -6.98
N ARG A 266 -12.71 31.13 -6.93
CA ARG A 266 -11.33 30.77 -6.60
C ARG A 266 -10.66 30.29 -7.87
N TYR A 267 -9.48 30.80 -8.18
CA TYR A 267 -8.83 30.39 -9.43
C TYR A 267 -7.35 30.68 -9.53
N ILE A 268 -6.75 30.10 -10.56
CA ILE A 268 -5.35 30.30 -10.86
C ILE A 268 -5.29 30.88 -12.26
N SER A 269 -4.71 32.06 -12.39
CA SER A 269 -4.60 32.67 -13.69
C SER A 269 -3.23 32.31 -14.26
N MSE A 270 -3.11 32.33 -15.57
CA MSE A 270 -1.85 32.02 -16.23
C MSE A 270 -1.50 33.18 -17.17
O MSE A 270 -2.36 33.64 -17.92
CB MSE A 270 -1.97 30.70 -17.02
CG MSE A 270 -2.24 29.49 -16.12
SE MSE A 270 -2.60 27.82 -17.07
CE MSE A 270 -4.50 28.06 -17.41
N ASN A 271 -0.26 33.67 -17.10
CA ASN A 271 0.17 34.78 -17.95
C ASN A 271 0.18 34.28 -19.39
N VAL A 272 -0.97 34.36 -20.05
CA VAL A 272 -1.11 33.87 -21.41
C VAL A 272 -0.13 34.46 -22.42
N THR A 273 0.72 35.38 -21.99
CA THR A 273 1.70 35.97 -22.89
C THR A 273 3.10 35.56 -22.45
N GLN A 274 3.23 34.41 -21.81
CA GLN A 274 4.54 33.97 -21.33
C GLN A 274 4.90 32.50 -21.44
N LYS A 275 6.16 32.22 -21.04
CA LYS A 275 6.77 30.89 -21.03
C LYS A 275 5.99 29.83 -21.80
N PRO A 276 5.47 28.77 -21.14
CA PRO A 276 4.76 27.84 -22.00
C PRO A 276 3.29 28.19 -22.13
N PHE A 277 2.84 29.13 -21.28
CA PHE A 277 1.45 29.55 -21.24
C PHE A 277 0.87 30.25 -22.46
N ASP A 278 1.71 30.59 -23.42
CA ASP A 278 1.24 31.24 -24.64
C ASP A 278 0.54 30.15 -25.44
N ASN A 279 0.99 28.91 -25.26
CA ASN A 279 0.45 27.74 -25.94
C ASN A 279 -0.85 27.29 -25.28
N PRO A 280 -1.98 27.42 -25.99
CA PRO A 280 -3.29 27.03 -25.48
C PRO A 280 -3.41 25.56 -25.08
N LYS A 281 -2.54 24.71 -25.63
CA LYS A 281 -2.56 23.29 -25.31
C LYS A 281 -2.08 23.04 -23.89
N VAL A 282 -1.15 23.86 -23.42
CA VAL A 282 -0.62 23.73 -22.06
C VAL A 282 -1.72 24.10 -21.09
N ARG A 283 -2.38 25.22 -21.34
CA ARG A 283 -3.47 25.70 -20.50
C ARG A 283 -4.56 24.64 -20.40
N GLU A 284 -4.92 24.04 -21.53
CA GLU A 284 -5.94 23.01 -21.54
C GLU A 284 -5.42 21.82 -20.74
N ALA A 285 -4.13 21.55 -20.86
CA ALA A 285 -3.54 20.43 -20.15
C ALA A 285 -3.65 20.61 -18.63
N LEU A 286 -2.98 21.64 -18.12
CA LEU A 286 -2.99 21.91 -16.69
C LEU A 286 -4.37 21.89 -16.07
N ASN A 287 -5.42 22.09 -16.86
CA ASN A 287 -6.77 22.07 -16.31
C ASN A 287 -7.27 20.64 -16.05
N TYR A 288 -6.66 19.66 -16.68
CA TYR A 288 -7.02 18.27 -16.47
C TYR A 288 -6.29 17.75 -15.25
N ALA A 289 -5.14 18.34 -14.96
CA ALA A 289 -4.29 17.92 -13.85
C ALA A 289 -4.89 18.06 -12.47
N ILE A 290 -5.84 18.97 -12.30
CA ILE A 290 -6.44 19.20 -10.99
C ILE A 290 -7.71 18.40 -10.73
N ASN A 291 -7.74 17.68 -9.62
CA ASN A 291 -8.91 16.90 -9.20
C ASN A 291 -9.67 17.89 -8.32
N ARG A 292 -10.65 18.57 -8.89
CA ARG A 292 -11.38 19.57 -8.14
C ARG A 292 -12.19 19.02 -6.96
N PRO A 293 -12.91 17.92 -7.17
CA PRO A 293 -13.69 17.38 -6.06
C PRO A 293 -12.79 17.05 -4.87
N ALA A 294 -11.55 16.63 -5.15
CA ALA A 294 -10.60 16.31 -4.09
C ALA A 294 -10.14 17.59 -3.41
N LEU A 295 -9.87 18.63 -4.21
CA LEU A 295 -9.44 19.89 -3.65
C LEU A 295 -10.48 20.48 -2.69
N VAL A 296 -11.75 20.38 -3.03
CA VAL A 296 -12.78 20.94 -2.18
C VAL A 296 -12.76 20.27 -0.82
N LYS A 297 -12.41 18.98 -0.80
CA LYS A 297 -12.36 18.23 0.44
C LYS A 297 -11.14 18.57 1.28
N VAL A 298 -9.99 18.61 0.62
CA VAL A 298 -8.72 18.89 1.26
C VAL A 298 -8.53 20.33 1.72
N ALA A 299 -9.04 21.29 0.95
CA ALA A 299 -8.84 22.68 1.32
C ALA A 299 -10.05 23.41 1.87
N PHE A 300 -11.25 22.91 1.62
CA PHE A 300 -12.44 23.61 2.09
C PHE A 300 -13.35 22.75 2.95
N ALA A 301 -12.91 21.54 3.27
CA ALA A 301 -13.72 20.65 4.07
C ALA A 301 -15.10 20.39 3.45
N GLY A 302 -15.14 20.31 2.12
CA GLY A 302 -16.41 20.06 1.45
C GLY A 302 -17.33 21.26 1.35
N TYR A 303 -16.88 22.42 1.85
CA TYR A 303 -17.69 23.64 1.82
C TYR A 303 -17.36 24.53 0.62
N ALA A 304 -17.59 23.98 -0.56
CA ALA A 304 -17.35 24.65 -1.82
C ALA A 304 -17.75 23.68 -2.91
N THR A 305 -17.74 24.12 -4.15
CA THR A 305 -18.08 23.21 -5.23
C THR A 305 -17.09 23.41 -6.36
N PRO A 306 -16.86 22.36 -7.15
CA PRO A 306 -15.91 22.50 -8.27
C PRO A 306 -16.50 23.58 -9.16
N ALA A 307 -15.65 24.46 -9.67
CA ALA A 307 -16.12 25.53 -10.53
C ALA A 307 -16.46 24.99 -11.92
N THR A 308 -17.65 25.34 -12.40
CA THR A 308 -18.09 24.93 -13.72
C THR A 308 -18.36 26.18 -14.55
N GLY A 309 -17.58 27.22 -14.28
CA GLY A 309 -17.69 28.48 -14.99
C GLY A 309 -16.64 29.46 -14.49
N VAL A 310 -16.57 30.66 -15.05
CA VAL A 310 -15.61 31.66 -14.59
C VAL A 310 -16.33 32.68 -13.72
N VAL A 311 -17.66 32.62 -13.73
CA VAL A 311 -18.47 33.51 -12.91
C VAL A 311 -19.36 32.72 -11.94
N PRO A 312 -19.30 33.03 -10.65
CA PRO A 312 -20.15 32.30 -9.72
C PRO A 312 -21.59 32.37 -10.22
N PRO A 313 -22.28 31.21 -10.28
CA PRO A 313 -23.67 31.18 -10.75
C PRO A 313 -24.68 32.09 -10.05
N SER A 314 -24.34 32.59 -8.87
CA SER A 314 -25.26 33.47 -8.15
C SER A 314 -25.30 34.85 -8.80
N ILE A 315 -24.28 35.19 -9.56
CA ILE A 315 -24.21 36.48 -10.24
C ILE A 315 -25.15 36.49 -11.43
N ALA A 316 -25.71 37.66 -11.73
CA ALA A 316 -26.63 37.79 -12.85
C ALA A 316 -25.90 37.66 -14.18
N TYR A 317 -26.52 36.96 -15.13
CA TYR A 317 -25.98 36.77 -16.49
C TYR A 317 -24.87 35.72 -16.65
N ALA A 318 -24.47 35.10 -15.55
CA ALA A 318 -23.43 34.09 -15.57
C ALA A 318 -23.82 32.87 -16.42
N GLN A 319 -22.81 32.10 -16.82
CA GLN A 319 -23.00 30.89 -17.61
C GLN A 319 -22.23 29.75 -16.96
N SER A 320 -22.72 28.53 -17.12
CA SER A 320 -22.04 27.37 -16.57
C SER A 320 -21.79 26.35 -17.69
N TYR A 321 -20.73 25.55 -17.55
CA TYR A 321 -20.39 24.56 -18.57
C TYR A 321 -20.14 23.16 -18.02
N LYS A 322 -20.01 22.19 -18.92
CA LYS A 322 -19.72 20.83 -18.49
C LYS A 322 -18.38 20.93 -17.78
N PRO A 323 -18.29 20.35 -16.57
CA PRO A 323 -17.07 20.36 -15.75
C PRO A 323 -15.83 19.76 -16.40
N TRP A 324 -14.66 20.21 -15.95
CA TRP A 324 -13.40 19.70 -16.47
C TRP A 324 -13.14 18.34 -15.88
N PRO A 325 -12.80 17.35 -16.72
CA PRO A 325 -12.54 16.06 -16.10
C PRO A 325 -11.15 16.13 -15.48
N TYR A 326 -10.84 15.16 -14.63
CA TYR A 326 -9.54 15.08 -13.99
C TYR A 326 -8.83 13.97 -14.76
N ASP A 327 -7.70 14.30 -15.38
CA ASP A 327 -6.99 13.32 -16.17
C ASP A 327 -5.50 13.61 -16.37
N PRO A 328 -4.66 13.11 -15.45
CA PRO A 328 -3.20 13.30 -15.48
C PRO A 328 -2.57 12.73 -16.76
N VAL A 329 -3.17 11.64 -17.25
CA VAL A 329 -2.70 10.97 -18.46
C VAL A 329 -2.96 11.87 -19.65
N LYS A 330 -4.18 12.36 -19.76
CA LYS A 330 -4.52 13.25 -20.84
C LYS A 330 -3.59 14.45 -20.76
N ALA A 331 -3.41 14.96 -19.54
CA ALA A 331 -2.55 16.12 -19.30
C ALA A 331 -1.10 15.93 -19.72
N ARG A 332 -0.48 14.85 -19.25
CA ARG A 332 0.91 14.61 -19.61
C ARG A 332 1.02 14.47 -21.11
N GLU A 333 0.04 13.80 -21.73
CA GLU A 333 0.06 13.62 -23.17
C GLU A 333 0.07 14.96 -23.89
N LEU A 334 -0.84 15.85 -23.48
CA LEU A 334 -0.94 17.17 -24.07
C LEU A 334 0.33 18.03 -23.95
N LEU A 335 0.98 17.97 -22.79
CA LEU A 335 2.20 18.74 -22.59
C LEU A 335 3.26 18.24 -23.56
N LYS A 336 3.20 16.95 -23.86
CA LYS A 336 4.15 16.35 -24.78
C LYS A 336 3.88 16.91 -26.18
N GLU A 337 2.65 16.80 -26.64
CA GLU A 337 2.27 17.33 -27.94
C GLU A 337 2.73 18.78 -28.01
N ALA A 338 2.51 19.51 -26.92
CA ALA A 338 2.90 20.91 -26.84
C ALA A 338 4.40 21.02 -27.04
N GLY A 339 5.13 20.02 -26.59
CA GLY A 339 6.58 20.03 -26.74
C GLY A 339 7.34 19.92 -25.44
N TYR A 340 6.65 19.50 -24.39
CA TYR A 340 7.30 19.37 -23.09
C TYR A 340 7.15 17.96 -22.55
N PRO A 341 7.94 17.02 -23.08
CA PRO A 341 7.92 15.61 -22.68
C PRO A 341 8.22 15.41 -21.19
N ASN A 342 8.83 16.42 -20.58
CA ASN A 342 9.18 16.34 -19.16
C ASN A 342 8.75 17.59 -18.42
N GLY A 343 7.53 18.04 -18.71
CA GLY A 343 6.99 19.22 -18.07
C GLY A 343 7.91 20.43 -18.20
N PHE A 344 8.05 21.17 -17.10
CA PHE A 344 8.88 22.37 -17.06
C PHE A 344 8.72 22.98 -15.67
N SER A 345 9.41 24.08 -15.42
CA SER A 345 9.32 24.77 -14.14
C SER A 345 8.74 26.16 -14.34
N THR A 346 7.96 26.59 -13.35
CA THR A 346 7.32 27.90 -13.39
C THR A 346 7.13 28.37 -11.96
N THR A 347 6.47 29.51 -11.79
CA THR A 347 6.23 30.04 -10.44
C THR A 347 4.73 30.13 -10.16
N LEU A 348 4.39 29.88 -8.90
CA LEU A 348 3.00 29.93 -8.48
C LEU A 348 2.87 30.88 -7.29
N TRP A 349 2.34 32.06 -7.55
CA TRP A 349 2.17 33.04 -6.49
C TRP A 349 0.72 33.07 -6.01
N SER A 350 0.57 33.38 -4.72
CA SER A 350 -0.73 33.48 -4.08
C SER A 350 -0.57 34.61 -3.10
N SER A 351 -1.67 35.20 -2.66
CA SER A 351 -1.56 36.29 -1.69
C SER A 351 -1.47 35.70 -0.29
N HIS A 352 -0.52 36.19 0.49
CA HIS A 352 -0.34 35.73 1.86
C HIS A 352 -1.61 35.88 2.68
N ASN A 353 -2.04 34.79 3.32
CA ASN A 353 -3.24 34.81 4.14
C ASN A 353 -3.17 33.71 5.19
N HIS A 354 -4.24 33.56 5.96
CA HIS A 354 -4.29 32.55 7.00
C HIS A 354 -5.50 31.63 6.82
N SER A 355 -6.21 31.81 5.72
CA SER A 355 -7.38 31.00 5.45
C SER A 355 -7.00 29.61 4.92
N THR A 356 -7.67 29.21 3.84
CA THR A 356 -7.46 27.93 3.22
C THR A 356 -6.40 27.92 2.11
N ALA A 357 -5.95 29.11 1.72
CA ALA A 357 -4.94 29.24 0.65
C ALA A 357 -3.77 28.29 0.82
N GLN A 358 -3.25 28.19 2.03
CA GLN A 358 -2.12 27.32 2.31
C GLN A 358 -2.35 25.88 1.83
N LYS A 359 -3.50 25.29 2.17
CA LYS A 359 -3.77 23.94 1.74
C LYS A 359 -3.97 23.85 0.23
N VAL A 360 -4.50 24.92 -0.37
CA VAL A 360 -4.73 24.95 -1.81
C VAL A 360 -3.41 24.85 -2.57
N LEU A 361 -2.44 25.66 -2.17
CA LEU A 361 -1.13 25.68 -2.82
C LEU A 361 -0.43 24.32 -2.75
N GLN A 362 -0.31 23.78 -1.55
CA GLN A 362 0.32 22.48 -1.36
C GLN A 362 -0.35 21.38 -2.21
N PHE A 363 -1.67 21.45 -2.33
CA PHE A 363 -2.41 20.46 -3.11
C PHE A 363 -2.12 20.66 -4.59
N THR A 364 -2.24 21.91 -5.03
CA THR A 364 -2.03 22.26 -6.42
C THR A 364 -0.65 21.95 -6.94
N GLN A 365 0.39 22.42 -6.25
CA GLN A 365 1.73 22.17 -6.74
C GLN A 365 2.06 20.69 -6.68
N GLN A 366 1.28 19.95 -5.89
CA GLN A 366 1.47 18.52 -5.75
C GLN A 366 0.86 17.86 -6.99
N GLN A 367 -0.35 18.28 -7.34
CA GLN A 367 -1.05 17.75 -8.51
C GLN A 367 -0.26 18.08 -9.77
N LEU A 368 0.29 19.29 -9.81
CA LEU A 368 1.09 19.74 -10.96
C LEU A 368 2.39 18.95 -11.02
N ALA A 369 2.87 18.53 -9.86
CA ALA A 369 4.10 17.74 -9.80
C ALA A 369 3.85 16.42 -10.52
N GLN A 370 2.70 15.82 -10.22
CA GLN A 370 2.30 14.54 -10.82
C GLN A 370 2.38 14.56 -12.34
N VAL A 371 2.15 15.73 -12.93
CA VAL A 371 2.20 15.87 -14.38
C VAL A 371 3.50 16.54 -14.83
N GLY A 372 4.49 16.56 -13.95
CA GLY A 372 5.78 17.13 -14.31
C GLY A 372 5.91 18.64 -14.31
N ILE A 373 5.07 19.35 -13.56
CA ILE A 373 5.16 20.81 -13.53
C ILE A 373 5.68 21.30 -12.18
N LYS A 374 6.99 21.52 -12.10
CA LYS A 374 7.61 22.00 -10.86
C LYS A 374 7.31 23.49 -10.71
N ALA A 375 6.38 23.80 -9.82
CA ALA A 375 6.00 25.19 -9.58
C ALA A 375 6.59 25.69 -8.25
N GLN A 376 7.24 26.84 -8.31
CA GLN A 376 7.84 27.44 -7.13
C GLN A 376 6.82 28.37 -6.45
N VAL A 377 6.09 27.82 -5.49
CA VAL A 377 5.06 28.58 -4.77
C VAL A 377 5.66 29.76 -4.00
N THR A 378 4.86 30.80 -3.82
CA THR A 378 5.30 31.99 -3.10
C THR A 378 4.09 32.82 -2.62
N ALA A 379 3.96 32.97 -1.31
CA ALA A 379 2.87 33.76 -0.71
C ALA A 379 3.38 35.17 -0.42
N MSE A 380 2.75 36.17 -1.03
CA MSE A 380 3.20 37.55 -0.86
C MSE A 380 2.33 38.44 0.04
O MSE A 380 1.11 38.37 0.01
CB MSE A 380 3.33 38.20 -2.22
CG MSE A 380 4.07 37.32 -3.22
SE MSE A 380 4.01 38.04 -5.01
CE MSE A 380 2.08 38.05 -5.21
N ASP A 381 3.01 39.28 0.83
CA ASP A 381 2.29 40.21 1.71
C ASP A 381 1.68 41.29 0.84
N ALA A 382 1.12 42.32 1.45
CA ALA A 382 0.51 43.40 0.70
C ALA A 382 1.53 44.10 -0.20
N GLY A 383 2.72 44.33 0.35
CA GLY A 383 3.77 45.01 -0.40
C GLY A 383 4.18 44.38 -1.72
N GLN A 384 4.74 43.17 -1.67
CA GLN A 384 5.18 42.47 -2.87
C GLN A 384 4.05 42.31 -3.86
N ARG A 385 2.87 42.00 -3.33
CA ARG A 385 1.69 41.80 -4.14
C ARG A 385 1.37 43.04 -4.96
N ALA A 386 1.42 44.20 -4.31
CA ALA A 386 1.14 45.46 -4.99
C ALA A 386 2.31 45.87 -5.87
N ALA A 387 3.49 45.36 -5.54
CA ALA A 387 4.70 45.67 -6.29
C ALA A 387 4.95 44.75 -7.48
N GLU A 388 4.72 43.46 -7.29
CA GLU A 388 4.96 42.48 -8.33
C GLU A 388 3.78 42.03 -9.19
N VAL A 389 2.57 42.11 -8.62
CA VAL A 389 1.40 41.69 -9.35
C VAL A 389 0.54 42.82 -9.93
N GLU A 390 0.03 43.66 -9.04
CA GLU A 390 -0.84 44.76 -9.44
C GLU A 390 -0.11 45.93 -10.09
N GLY A 391 0.91 46.44 -9.42
CA GLY A 391 1.65 47.57 -9.95
C GLY A 391 2.75 47.19 -10.94
N LYS A 392 2.39 46.54 -12.03
CA LYS A 392 3.37 46.16 -13.02
C LYS A 392 2.77 45.75 -14.36
N GLY A 393 3.37 46.24 -15.43
CA GLY A 393 2.87 45.95 -16.77
C GLY A 393 3.44 44.71 -17.40
N GLN A 394 2.81 44.29 -18.49
CA GLN A 394 3.22 43.10 -19.24
C GLN A 394 4.73 42.98 -19.44
N LYS A 395 5.33 43.97 -20.09
CA LYS A 395 6.76 43.96 -20.40
C LYS A 395 7.69 44.03 -19.19
N GLU A 396 7.18 43.75 -17.99
CA GLU A 396 7.99 43.81 -16.79
C GLU A 396 7.60 42.72 -15.81
N SER A 397 6.29 42.52 -15.69
CA SER A 397 5.70 41.54 -14.77
C SER A 397 6.32 40.14 -14.77
N GLY A 398 6.53 39.63 -13.56
CA GLY A 398 7.10 38.30 -13.40
C GLY A 398 5.97 37.28 -13.25
N VAL A 399 4.79 37.79 -12.92
CA VAL A 399 3.60 36.96 -12.74
C VAL A 399 3.50 35.87 -13.80
N ARG A 400 3.42 34.62 -13.34
CA ARG A 400 3.29 33.50 -14.26
C ARG A 400 1.97 32.80 -13.92
N MSE A 401 1.96 32.04 -12.83
CA MSE A 401 0.73 31.37 -12.38
C MSE A 401 0.31 32.11 -11.11
O MSE A 401 1.11 32.27 -10.18
CB MSE A 401 0.97 29.90 -12.06
CG MSE A 401 1.31 29.00 -13.24
SE MSE A 401 1.14 27.10 -12.78
CE MSE A 401 2.37 27.03 -11.31
N PHE A 402 -0.93 32.56 -11.05
CA PHE A 402 -1.38 33.29 -9.87
C PHE A 402 -2.65 32.72 -9.24
N TYR A 403 -2.57 32.27 -8.00
CA TYR A 403 -3.75 31.77 -7.29
C TYR A 403 -4.38 32.95 -6.54
N THR A 404 -5.67 33.20 -6.79
CA THR A 404 -6.37 34.31 -6.17
C THR A 404 -7.88 34.06 -6.25
N GLY A 405 -8.66 35.07 -5.89
CA GLY A 405 -10.11 34.97 -5.92
C GLY A 405 -10.76 36.31 -6.23
N TRP A 406 -12.06 36.31 -6.48
CA TRP A 406 -12.72 37.58 -6.79
C TRP A 406 -14.24 37.55 -6.55
N SER A 407 -14.75 38.58 -5.88
CA SER A 407 -16.19 38.69 -5.60
C SER A 407 -16.83 39.87 -6.33
N ALA A 408 -17.76 39.57 -7.23
CA ALA A 408 -18.46 40.62 -7.96
C ALA A 408 -19.52 41.16 -7.01
N SER A 409 -19.11 42.07 -6.12
CA SER A 409 -20.02 42.64 -5.14
C SER A 409 -21.19 43.49 -5.68
N THR A 410 -21.33 43.57 -7.00
CA THR A 410 -22.41 44.34 -7.62
C THR A 410 -23.53 43.38 -8.00
N GLY A 411 -23.19 42.10 -7.99
CA GLY A 411 -24.13 41.04 -8.32
C GLY A 411 -24.37 40.80 -9.79
N GLU A 412 -23.65 41.51 -10.66
CA GLU A 412 -23.84 41.33 -12.09
C GLU A 412 -22.54 41.03 -12.82
N ALA A 413 -22.67 40.38 -13.96
CA ALA A 413 -21.55 39.95 -14.79
C ALA A 413 -20.43 40.95 -15.05
N ASP A 414 -20.78 42.20 -15.38
CA ASP A 414 -19.72 43.17 -15.69
C ASP A 414 -18.57 43.24 -14.69
N TRP A 415 -18.88 43.40 -13.41
CA TRP A 415 -17.80 43.48 -12.44
C TRP A 415 -17.13 42.15 -12.19
N ALA A 416 -17.77 41.08 -12.65
CA ALA A 416 -17.21 39.74 -12.47
C ALA A 416 -16.38 39.37 -13.70
N LEU A 417 -16.56 40.14 -14.77
CA LEU A 417 -15.86 39.87 -16.03
C LEU A 417 -14.87 40.92 -16.52
N SER A 418 -15.25 42.19 -16.54
CA SER A 418 -14.35 43.24 -17.02
C SER A 418 -13.01 43.35 -16.30
N PRO A 419 -13.03 43.55 -14.98
CA PRO A 419 -11.77 43.66 -14.22
C PRO A 419 -10.81 42.50 -14.36
N LEU A 420 -11.31 41.37 -14.86
CA LEU A 420 -10.50 40.17 -14.99
C LEU A 420 -10.12 39.73 -16.41
N PHE A 421 -10.88 40.14 -17.42
CA PHE A 421 -10.59 39.73 -18.79
C PHE A 421 -10.54 40.83 -19.85
N ALA A 422 -11.05 42.03 -19.53
CA ALA A 422 -11.02 43.13 -20.49
C ALA A 422 -9.56 43.51 -20.70
N SER A 423 -9.11 43.44 -21.95
CA SER A 423 -7.72 43.74 -22.28
C SER A 423 -7.20 45.08 -21.77
N GLN A 424 -8.10 46.02 -21.47
CA GLN A 424 -7.68 47.32 -20.99
C GLN A 424 -7.34 47.29 -19.49
N ASN A 425 -7.74 46.23 -18.81
CA ASN A 425 -7.49 46.16 -17.38
C ASN A 425 -6.25 45.43 -16.87
N TRP A 426 -5.30 45.20 -17.78
CA TRP A 426 -4.06 44.56 -17.35
C TRP A 426 -3.44 45.47 -16.30
N PRO A 427 -2.67 44.91 -15.36
CA PRO A 427 -2.05 45.75 -14.33
C PRO A 427 -1.13 46.77 -15.01
N PRO A 428 -0.90 47.94 -14.38
CA PRO A 428 -1.38 48.42 -13.08
C PRO A 428 -2.73 49.10 -13.17
N THR A 429 -3.43 48.87 -14.27
CA THR A 429 -4.74 49.47 -14.45
C THR A 429 -5.73 48.73 -13.57
N LEU A 430 -5.92 47.43 -13.83
CA LEU A 430 -6.86 46.66 -13.04
C LEU A 430 -6.36 45.25 -12.73
N PHE A 431 -7.27 44.30 -12.50
CA PHE A 431 -6.87 42.95 -12.11
C PHE A 431 -6.91 41.77 -13.11
N ASN A 432 -6.59 42.02 -14.38
CA ASN A 432 -6.55 40.94 -15.37
C ASN A 432 -5.15 40.34 -15.27
N THR A 433 -4.88 39.66 -14.17
CA THR A 433 -3.58 39.06 -13.93
C THR A 433 -3.17 38.04 -14.98
N ALA A 434 -4.13 37.52 -15.72
CA ALA A 434 -3.80 36.55 -16.75
C ALA A 434 -3.38 37.24 -18.04
N PHE A 435 -3.40 38.57 -18.04
CA PHE A 435 -3.06 39.38 -19.22
C PHE A 435 -3.73 38.88 -20.49
N TYR A 436 -4.96 38.43 -20.33
CA TYR A 436 -5.76 37.90 -21.41
C TYR A 436 -6.30 39.05 -22.25
N SER A 437 -6.68 38.75 -23.48
CA SER A 437 -7.21 39.75 -24.39
C SER A 437 -7.96 39.03 -25.50
N ASN A 438 -9.04 39.63 -25.97
CA ASN A 438 -9.83 39.02 -27.04
C ASN A 438 -10.81 40.03 -27.63
N LYS A 439 -10.52 40.43 -28.87
CA LYS A 439 -11.31 41.40 -29.60
C LYS A 439 -12.82 41.30 -29.36
N GLN A 440 -13.37 40.10 -29.55
CA GLN A 440 -14.80 39.85 -29.38
C GLN A 440 -15.29 40.03 -27.95
N VAL A 441 -14.58 39.47 -26.98
CA VAL A 441 -14.97 39.59 -25.58
C VAL A 441 -15.01 41.06 -25.15
N ASP A 442 -13.91 41.78 -25.39
CA ASP A 442 -13.85 43.19 -25.04
C ASP A 442 -15.03 43.97 -25.63
N ASP A 443 -15.38 43.66 -26.87
CA ASP A 443 -16.49 44.34 -27.54
C ASP A 443 -17.84 43.85 -27.02
N PHE A 444 -17.92 42.56 -26.69
CA PHE A 444 -19.17 42.02 -26.17
C PHE A 444 -19.44 42.63 -24.80
N LEU A 445 -18.37 42.84 -24.02
CA LEU A 445 -18.50 43.44 -22.70
C LEU A 445 -18.93 44.88 -22.85
N ALA A 446 -18.32 45.58 -23.80
CA ALA A 446 -18.62 46.98 -24.04
C ALA A 446 -20.06 47.14 -24.50
N GLN A 447 -20.48 46.25 -25.39
CA GLN A 447 -21.84 46.28 -25.92
C GLN A 447 -22.86 46.05 -24.82
N ALA A 448 -22.52 45.18 -23.88
CA ALA A 448 -23.42 44.84 -22.79
C ALA A 448 -23.77 46.07 -21.96
N LEU A 449 -22.77 46.91 -21.72
CA LEU A 449 -22.95 48.12 -20.93
C LEU A 449 -23.76 49.20 -21.65
N LYS A 450 -23.95 49.02 -22.95
CA LYS A 450 -24.69 50.01 -23.73
C LYS A 450 -26.11 49.60 -24.07
N THR A 451 -26.62 48.60 -23.36
CA THR A 451 -28.00 48.17 -23.60
C THR A 451 -28.68 47.82 -22.29
N ASN A 452 -30.00 47.98 -22.23
CA ASN A 452 -30.72 47.66 -21.01
C ASN A 452 -31.68 46.52 -21.23
N ASP A 453 -31.61 45.90 -22.40
CA ASP A 453 -32.48 44.77 -22.70
C ASP A 453 -31.89 43.49 -22.10
N PRO A 454 -32.56 42.92 -21.09
CA PRO A 454 -32.12 41.70 -20.41
C PRO A 454 -31.71 40.62 -21.41
N ALA A 455 -32.56 40.38 -22.39
CA ALA A 455 -32.30 39.38 -23.42
C ALA A 455 -30.94 39.66 -24.04
N GLU A 456 -30.77 40.84 -24.60
CA GLU A 456 -29.50 41.22 -25.22
C GLU A 456 -28.34 41.05 -24.25
N LYS A 457 -28.55 41.44 -22.99
CA LYS A 457 -27.52 41.34 -21.96
C LYS A 457 -27.14 39.90 -21.63
N THR A 458 -28.14 39.05 -21.43
CA THR A 458 -27.86 37.65 -21.11
C THR A 458 -27.14 37.07 -22.32
N ARG A 459 -27.54 37.50 -23.51
CA ARG A 459 -26.95 37.05 -24.75
C ARG A 459 -25.50 37.51 -24.91
N LEU A 460 -25.27 38.82 -24.75
CA LEU A 460 -23.93 39.37 -24.90
C LEU A 460 -22.93 38.79 -23.93
N TYR A 461 -23.33 38.66 -22.67
CA TYR A 461 -22.45 38.11 -21.65
C TYR A 461 -22.19 36.62 -21.88
N LYS A 462 -23.24 35.89 -22.26
CA LYS A 462 -23.12 34.45 -22.52
C LYS A 462 -22.07 34.17 -23.59
N ALA A 463 -22.04 35.02 -24.61
CA ALA A 463 -21.09 34.90 -25.72
C ALA A 463 -19.65 35.11 -25.25
N ALA A 464 -19.42 36.18 -24.50
CA ALA A 464 -18.08 36.45 -24.00
C ALA A 464 -17.59 35.27 -23.14
N GLN A 465 -18.43 34.81 -22.22
CA GLN A 465 -18.06 33.70 -21.36
C GLN A 465 -17.73 32.42 -22.13
N ASP A 466 -18.43 32.17 -23.23
CA ASP A 466 -18.15 30.98 -24.01
C ASP A 466 -16.76 31.05 -24.60
N ILE A 467 -16.36 32.24 -25.04
CA ILE A 467 -15.02 32.42 -25.62
C ILE A 467 -13.95 32.25 -24.54
N ILE A 468 -14.19 32.84 -23.38
CA ILE A 468 -13.26 32.78 -22.25
C ILE A 468 -13.05 31.35 -21.77
N TRP A 469 -14.15 30.66 -21.56
CA TRP A 469 -14.08 29.28 -21.09
C TRP A 469 -13.32 28.40 -22.06
N GLN A 470 -13.52 28.61 -23.35
CA GLN A 470 -12.81 27.77 -24.33
C GLN A 470 -11.35 28.12 -24.49
N GLU A 471 -10.99 29.38 -24.28
CA GLU A 471 -9.57 29.77 -24.41
C GLU A 471 -8.79 29.49 -23.13
N SER A 472 -9.51 29.13 -22.08
CA SER A 472 -8.91 28.80 -20.78
C SER A 472 -7.74 29.63 -20.28
N PRO A 473 -7.93 30.93 -20.09
CA PRO A 473 -6.81 31.73 -19.59
C PRO A 473 -6.61 31.44 -18.10
N TRP A 474 -7.54 30.67 -17.53
CA TRP A 474 -7.52 30.31 -16.12
C TRP A 474 -7.56 28.81 -15.88
N ILE A 475 -7.59 28.47 -14.60
CA ILE A 475 -7.77 27.13 -14.10
C ILE A 475 -8.83 27.44 -13.03
N PRO A 476 -10.10 27.60 -13.45
CA PRO A 476 -11.12 27.90 -12.45
C PRO A 476 -11.16 26.74 -11.46
N LEU A 477 -10.91 27.05 -10.20
CA LEU A 477 -10.86 26.03 -9.15
C LEU A 477 -12.20 25.68 -8.55
N VAL A 478 -12.72 26.59 -7.75
CA VAL A 478 -13.98 26.35 -7.07
C VAL A 478 -14.69 27.64 -6.77
N VAL A 479 -15.87 27.50 -6.19
CA VAL A 479 -16.64 28.63 -5.74
C VAL A 479 -16.95 28.21 -4.31
N GLU A 480 -16.62 29.06 -3.37
CA GLU A 480 -16.86 28.75 -1.98
C GLU A 480 -18.32 28.64 -1.60
N LYS A 481 -18.53 28.24 -0.34
CA LYS A 481 -19.84 28.12 0.26
C LYS A 481 -19.69 28.91 1.55
N LEU A 482 -20.70 29.68 1.91
CA LEU A 482 -20.65 30.45 3.14
C LEU A 482 -21.21 29.55 4.23
N VAL A 483 -20.50 29.47 5.35
CA VAL A 483 -20.94 28.62 6.44
C VAL A 483 -21.34 29.54 7.59
N SER A 484 -22.62 29.52 7.92
CA SER A 484 -23.15 30.35 9.00
C SER A 484 -24.05 29.50 9.87
N ALA A 485 -24.52 30.07 10.97
CA ALA A 485 -25.39 29.33 11.87
C ALA A 485 -26.12 30.28 12.81
N HIS A 486 -27.36 29.93 13.12
CA HIS A 486 -28.15 30.77 14.00
C HIS A 486 -29.00 29.90 14.90
N SER A 487 -29.48 30.49 15.98
CA SER A 487 -30.36 29.80 16.90
C SER A 487 -31.69 29.50 16.19
N LYS A 488 -32.30 28.37 16.51
CA LYS A 488 -33.57 27.98 15.92
C LYS A 488 -34.63 29.05 16.19
N ASN A 489 -34.47 29.75 17.32
CA ASN A 489 -35.38 30.80 17.74
C ASN A 489 -35.36 32.03 16.83
N LEU A 490 -34.20 32.29 16.22
CA LEU A 490 -34.04 33.45 15.34
C LEU A 490 -34.49 33.12 13.93
N THR A 491 -35.50 33.81 13.44
CA THR A 491 -35.95 33.54 12.08
C THR A 491 -35.91 34.83 11.28
N GLY A 492 -35.85 34.70 9.95
CA GLY A 492 -35.83 35.87 9.10
C GLY A 492 -34.47 36.54 9.05
N PHE A 493 -33.45 35.88 9.57
CA PHE A 493 -32.10 36.44 9.55
C PHE A 493 -31.26 35.60 8.60
N TRP A 494 -30.80 36.21 7.52
CA TRP A 494 -30.04 35.48 6.51
C TRP A 494 -28.69 36.02 6.08
N ILE A 495 -27.84 35.11 5.61
CA ILE A 495 -26.54 35.48 5.11
C ILE A 495 -26.76 35.60 3.60
N MSE A 496 -26.15 36.60 2.96
CA MSE A 496 -26.28 36.77 1.51
C MSE A 496 -25.01 36.27 0.85
O MSE A 496 -23.96 36.22 1.47
CB MSE A 496 -26.54 38.24 1.17
CG MSE A 496 -27.93 38.74 1.55
SE MSE A 496 -28.21 40.66 1.31
CE MSE A 496 -27.57 40.88 -0.51
N PRO A 497 -25.09 35.88 -0.44
CA PRO A 497 -23.91 35.39 -1.15
C PRO A 497 -22.69 36.31 -1.06
N ASP A 498 -22.94 37.62 -0.99
CA ASP A 498 -21.87 38.60 -0.89
C ASP A 498 -21.37 38.74 0.55
N THR A 499 -21.91 37.90 1.43
CA THR A 499 -21.58 37.86 2.86
C THR A 499 -22.22 38.97 3.69
N GLY A 500 -23.26 39.58 3.14
CA GLY A 500 -23.96 40.63 3.88
C GLY A 500 -25.16 39.98 4.53
N PHE A 501 -25.91 40.71 5.34
CA PHE A 501 -27.06 40.11 5.97
C PHE A 501 -28.38 40.69 5.48
N SER A 502 -29.41 39.85 5.48
CA SER A 502 -30.76 40.25 5.11
C SER A 502 -31.60 39.93 6.34
N PHE A 503 -32.09 40.96 7.01
CA PHE A 503 -32.86 40.74 8.22
C PHE A 503 -34.11 41.59 8.32
N GLU A 504 -34.65 41.97 7.17
CA GLU A 504 -35.86 42.78 7.09
C GLU A 504 -36.92 42.22 8.04
N ASP A 505 -37.25 40.94 7.89
CA ASP A 505 -38.28 40.31 8.72
C ASP A 505 -37.77 39.45 9.86
N ALA A 506 -36.60 39.79 10.39
CA ALA A 506 -36.03 39.02 11.48
C ALA A 506 -36.97 39.03 12.69
N ASP A 507 -36.97 37.94 13.45
CA ASP A 507 -37.83 37.85 14.63
C ASP A 507 -37.30 36.80 15.59
N LEU A 508 -37.79 36.82 16.82
CA LEU A 508 -37.39 35.88 17.88
C LEU A 508 -38.60 35.28 18.56
N GLN A 509 -38.54 33.98 18.84
CA GLN A 509 -39.63 33.32 19.53
C GLN A 509 -39.09 32.53 20.73
N ALA B 23 11.52 -59.73 33.79
CA ALA B 23 10.42 -59.16 34.63
C ALA B 23 9.52 -58.22 33.83
N ALA B 24 10.14 -57.23 33.20
CA ALA B 24 9.42 -56.26 32.37
C ALA B 24 10.43 -55.74 31.36
N LYS B 25 10.12 -55.91 30.09
CA LYS B 25 11.03 -55.48 29.04
C LYS B 25 10.86 -54.02 28.60
N ASP B 26 11.68 -53.15 29.19
CA ASP B 26 11.68 -51.74 28.87
C ASP B 26 13.04 -51.45 28.29
N VAL B 27 13.10 -50.92 27.07
CA VAL B 27 14.41 -50.60 26.51
C VAL B 27 14.57 -49.11 26.32
N VAL B 28 15.76 -48.62 26.61
CA VAL B 28 16.06 -47.21 26.46
C VAL B 28 17.00 -47.05 25.28
N VAL B 29 16.62 -46.17 24.35
CA VAL B 29 17.45 -45.90 23.19
C VAL B 29 18.00 -44.49 23.31
N ALA B 30 19.32 -44.35 23.21
CA ALA B 30 19.95 -43.05 23.31
C ALA B 30 20.27 -42.53 21.91
N VAL B 31 19.55 -41.51 21.49
CA VAL B 31 19.78 -40.94 20.16
C VAL B 31 20.55 -39.63 20.24
N GLY B 32 20.93 -39.11 19.07
CA GLY B 32 21.75 -37.92 19.07
C GLY B 32 21.15 -36.53 19.15
N SER B 33 19.93 -36.36 18.66
CA SER B 33 19.33 -35.03 18.68
C SER B 33 17.92 -35.00 19.22
N ASN B 34 17.36 -33.80 19.31
CA ASN B 34 16.01 -33.64 19.78
C ASN B 34 15.03 -33.96 18.66
N PHE B 35 13.76 -34.15 19.01
CA PHE B 35 12.73 -34.47 18.05
C PHE B 35 11.98 -33.23 17.59
N THR B 36 11.72 -33.13 16.29
CA THR B 36 11.01 -31.96 15.78
C THR B 36 9.49 -32.11 15.86
N THR B 37 8.96 -33.24 15.40
CA THR B 37 7.52 -33.49 15.42
C THR B 37 7.20 -34.97 15.32
N LEU B 38 6.10 -35.39 15.93
CA LEU B 38 5.72 -36.79 15.84
C LEU B 38 4.75 -37.05 14.70
N ASP B 39 4.59 -36.05 13.82
CA ASP B 39 3.77 -36.18 12.62
C ASP B 39 4.79 -36.28 11.50
N PRO B 40 5.05 -37.51 11.01
CA PRO B 40 6.00 -37.79 9.95
C PRO B 40 5.95 -36.87 8.73
N TYR B 41 4.75 -36.55 8.28
CA TYR B 41 4.59 -35.69 7.11
C TYR B 41 5.13 -34.29 7.31
N ASP B 42 5.38 -33.92 8.56
CA ASP B 42 5.84 -32.57 8.83
C ASP B 42 7.26 -32.49 9.37
N ALA B 43 8.03 -33.58 9.24
CA ALA B 43 9.40 -33.61 9.73
C ALA B 43 10.38 -33.78 8.59
N ASN B 44 11.51 -33.08 8.67
CA ASN B 44 12.53 -33.18 7.64
C ASN B 44 13.67 -34.05 8.11
N ASP B 45 13.69 -34.33 9.41
CA ASP B 45 14.74 -35.17 9.96
C ASP B 45 14.30 -36.62 10.09
N THR B 46 15.11 -37.52 9.55
CA THR B 46 14.80 -38.94 9.62
C THR B 46 14.64 -39.41 11.05
N LEU B 47 15.46 -38.92 11.97
CA LEU B 47 15.37 -39.35 13.37
C LEU B 47 13.95 -39.25 13.90
N SER B 48 13.29 -38.12 13.68
CA SER B 48 11.92 -37.97 14.18
C SER B 48 11.00 -38.98 13.53
N GLN B 49 11.23 -39.25 12.24
CA GLN B 49 10.42 -40.21 11.54
C GLN B 49 10.73 -41.64 11.98
N ALA B 50 12.00 -41.93 12.24
CA ALA B 50 12.42 -43.26 12.68
C ALA B 50 11.74 -43.61 13.99
N VAL B 51 11.67 -42.63 14.88
CA VAL B 51 11.02 -42.80 16.18
C VAL B 51 9.50 -42.98 16.02
N ALA B 52 8.89 -42.17 15.16
CA ALA B 52 7.45 -42.25 14.94
C ALA B 52 7.00 -43.64 14.45
N LYS B 53 7.94 -44.43 13.97
CA LYS B 53 7.62 -45.78 13.49
C LYS B 53 7.11 -46.65 14.63
N SER B 54 7.23 -46.15 15.86
CA SER B 54 6.76 -46.88 17.04
C SER B 54 5.26 -47.07 16.95
N PHE B 55 4.56 -46.01 16.54
CA PHE B 55 3.10 -46.06 16.42
C PHE B 55 2.60 -45.97 14.97
N TYR B 56 3.50 -45.73 14.03
CA TYR B 56 3.07 -45.60 12.65
C TYR B 56 3.64 -46.62 11.71
N GLN B 57 2.88 -46.89 10.66
CA GLN B 57 3.26 -47.83 9.63
C GLN B 57 2.71 -47.23 8.34
N GLY B 58 3.34 -47.55 7.22
CA GLY B 58 2.90 -47.02 5.95
C GLY B 58 2.41 -48.20 5.17
N LEU B 59 1.81 -47.94 4.00
CA LEU B 59 1.29 -49.02 3.16
C LEU B 59 2.42 -49.98 2.81
N PHE B 60 3.62 -49.41 2.64
CA PHE B 60 4.83 -50.16 2.34
C PHE B 60 5.98 -49.66 3.20
N GLY B 61 7.14 -50.30 3.07
CA GLY B 61 8.30 -49.89 3.82
C GLY B 61 9.56 -50.51 3.25
N LEU B 62 10.71 -50.21 3.87
CA LEU B 62 11.97 -50.78 3.42
C LEU B 62 12.60 -51.56 4.56
N ASP B 63 13.21 -52.69 4.25
CA ASP B 63 13.85 -53.51 5.28
C ASP B 63 15.22 -52.90 5.54
N LYS B 64 16.06 -53.60 6.32
CA LYS B 64 17.37 -53.04 6.60
C LYS B 64 18.33 -53.13 5.42
N GLU B 65 17.87 -53.75 4.34
CA GLU B 65 18.69 -53.86 3.13
C GLU B 65 18.15 -52.89 2.09
N MSE B 66 17.32 -51.95 2.56
CA MSE B 66 16.71 -50.93 1.72
C MSE B 66 15.81 -51.51 0.62
O MSE B 66 15.60 -50.88 -0.40
CB MSE B 66 17.77 -50.02 1.10
CG MSE B 66 18.57 -49.21 2.10
SE MSE B 66 17.49 -48.19 3.38
CE MSE B 66 17.06 -46.67 2.27
N LYS B 67 15.28 -52.70 0.85
CA LYS B 67 14.41 -53.33 -0.13
C LYS B 67 12.96 -53.19 0.28
N LEU B 68 12.06 -53.21 -0.69
CA LEU B 68 10.63 -53.05 -0.45
C LEU B 68 9.91 -54.19 0.28
N LYS B 69 9.01 -53.81 1.18
CA LYS B 69 8.19 -54.73 1.97
C LYS B 69 6.74 -54.32 1.82
N ASN B 70 5.84 -55.19 2.27
CA ASN B 70 4.43 -54.86 2.26
C ASN B 70 4.11 -54.75 3.74
N VAL B 71 3.48 -53.65 4.15
CA VAL B 71 3.14 -53.51 5.55
C VAL B 71 1.62 -53.50 5.68
N LEU B 72 1.02 -52.32 5.65
CA LEU B 72 -0.43 -52.25 5.74
C LEU B 72 -1.05 -52.74 4.43
N ALA B 73 -0.27 -52.67 3.35
CA ALA B 73 -0.74 -53.11 2.04
C ALA B 73 -0.38 -54.57 1.75
N GLU B 74 -1.36 -55.28 1.21
CA GLU B 74 -1.21 -56.69 0.86
C GLU B 74 -0.44 -56.78 -0.46
N SER B 75 -0.78 -55.89 -1.40
CA SER B 75 -0.13 -55.85 -2.70
C SER B 75 -0.65 -54.65 -3.46
N TYR B 76 -0.17 -54.46 -4.69
CA TYR B 76 -0.66 -53.34 -5.50
C TYR B 76 -0.46 -53.55 -7.01
N THR B 77 -1.08 -52.66 -7.78
CA THR B 77 -1.02 -52.70 -9.23
C THR B 77 -0.82 -51.29 -9.75
N VAL B 78 -0.27 -51.21 -10.96
CA VAL B 78 -0.06 -49.93 -11.60
C VAL B 78 -0.32 -50.15 -13.07
N SER B 79 -0.93 -49.17 -13.72
CA SER B 79 -1.24 -49.26 -15.13
C SER B 79 0.01 -49.10 -15.98
N ASP B 80 -0.07 -49.55 -17.24
CA ASP B 80 1.07 -49.45 -18.16
C ASP B 80 1.56 -48.02 -18.36
N ASP B 81 0.72 -47.05 -18.04
CA ASP B 81 1.08 -45.65 -18.19
C ASP B 81 1.54 -45.03 -16.88
N GLY B 82 1.66 -45.86 -15.84
CA GLY B 82 2.12 -45.38 -14.55
C GLY B 82 1.33 -44.27 -13.87
N ILE B 83 0.10 -44.05 -14.34
CA ILE B 83 -0.76 -43.00 -13.80
C ILE B 83 -1.73 -43.52 -12.75
N THR B 84 -2.02 -44.82 -12.82
CA THR B 84 -2.96 -45.43 -11.90
C THR B 84 -2.33 -46.51 -11.01
N TYR B 85 -2.43 -46.30 -9.71
CA TYR B 85 -1.91 -47.26 -8.74
C TYR B 85 -3.10 -47.83 -7.98
N THR B 86 -3.20 -49.14 -7.94
CA THR B 86 -4.31 -49.79 -7.23
C THR B 86 -3.76 -50.63 -6.09
N VAL B 87 -4.00 -50.17 -4.87
CA VAL B 87 -3.50 -50.86 -3.69
C VAL B 87 -4.54 -51.72 -2.98
N LYS B 88 -4.13 -52.94 -2.63
CA LYS B 88 -5.02 -53.84 -1.90
C LYS B 88 -4.58 -53.75 -0.45
N LEU B 89 -5.52 -53.55 0.45
CA LEU B 89 -5.22 -53.42 1.87
C LEU B 89 -5.50 -54.67 2.67
N ARG B 90 -4.82 -54.79 3.80
CA ARG B 90 -5.02 -55.91 4.71
C ARG B 90 -6.30 -55.56 5.48
N GLU B 91 -7.09 -56.57 5.83
CA GLU B 91 -8.32 -56.28 6.57
C GLU B 91 -8.25 -56.67 8.04
N GLY B 92 -9.09 -56.03 8.84
CA GLY B 92 -9.14 -56.31 10.26
C GLY B 92 -8.14 -55.52 11.07
N ILE B 93 -7.41 -54.59 10.45
CA ILE B 93 -6.42 -53.80 11.18
C ILE B 93 -7.04 -52.58 11.86
N LYS B 94 -6.53 -52.25 13.04
CA LYS B 94 -7.07 -51.13 13.81
C LYS B 94 -6.07 -50.11 14.32
N PHE B 95 -6.53 -48.86 14.48
CA PHE B 95 -5.69 -47.80 15.02
C PHE B 95 -5.82 -47.87 16.54
N GLN B 96 -4.76 -47.47 17.22
CA GLN B 96 -4.71 -47.49 18.68
C GLN B 96 -5.89 -46.79 19.35
N ASP B 97 -6.71 -46.08 18.56
CA ASP B 97 -7.84 -45.38 19.15
C ASP B 97 -9.17 -46.12 18.95
N GLY B 98 -9.09 -47.36 18.49
CA GLY B 98 -10.30 -48.15 18.28
C GLY B 98 -10.85 -48.15 16.87
N THR B 99 -10.72 -47.03 16.16
CA THR B 99 -11.23 -46.92 14.80
C THR B 99 -10.56 -47.96 13.91
N ASP B 100 -11.15 -48.21 12.73
CA ASP B 100 -10.63 -49.19 11.78
C ASP B 100 -9.72 -48.59 10.73
N PHE B 101 -8.71 -49.36 10.32
CA PHE B 101 -7.82 -48.89 9.26
C PHE B 101 -8.38 -49.44 7.94
N ASN B 102 -8.61 -48.54 6.98
CA ASN B 102 -9.17 -48.94 5.69
C ASN B 102 -8.90 -47.94 4.55
N ALA B 103 -9.45 -48.21 3.36
CA ALA B 103 -9.25 -47.34 2.22
C ALA B 103 -9.64 -45.90 2.56
N ALA B 104 -10.77 -45.74 3.26
CA ALA B 104 -11.22 -44.40 3.64
C ALA B 104 -10.12 -43.69 4.43
N ALA B 105 -9.43 -44.43 5.29
CA ALA B 105 -8.36 -43.87 6.09
C ALA B 105 -7.19 -43.49 5.20
N VAL B 106 -6.82 -44.38 4.30
CA VAL B 106 -5.71 -44.11 3.38
C VAL B 106 -6.00 -42.82 2.63
N LYS B 107 -7.22 -42.68 2.16
CA LYS B 107 -7.66 -41.51 1.41
C LYS B 107 -7.44 -40.25 2.24
N ALA B 108 -7.86 -40.31 3.50
CA ALA B 108 -7.73 -39.19 4.41
C ALA B 108 -6.27 -38.68 4.45
N ASN B 109 -5.34 -39.58 4.71
CA ASN B 109 -3.92 -39.24 4.80
C ASN B 109 -3.31 -38.63 3.55
N LEU B 110 -3.52 -39.28 2.41
CA LEU B 110 -2.97 -38.78 1.16
C LEU B 110 -3.60 -37.47 0.75
N ASP B 111 -4.92 -37.35 0.95
CA ASP B 111 -5.64 -36.13 0.63
C ASP B 111 -5.03 -34.98 1.43
N ARG B 112 -4.80 -35.25 2.71
CA ARG B 112 -4.23 -34.27 3.61
C ARG B 112 -2.82 -33.87 3.21
N ALA B 113 -2.00 -34.87 2.90
CA ALA B 113 -0.61 -34.63 2.53
C ALA B 113 -0.46 -33.78 1.28
N SER B 114 -1.23 -34.12 0.24
CA SER B 114 -1.16 -33.42 -1.04
C SER B 114 -1.77 -32.03 -1.06
N ASP B 115 -2.70 -31.77 -0.14
CA ASP B 115 -3.34 -30.47 -0.08
C ASP B 115 -2.30 -29.43 0.31
N PRO B 116 -2.04 -28.45 -0.58
CA PRO B 116 -1.05 -27.44 -0.21
C PRO B 116 -1.46 -26.51 0.92
N ALA B 117 -2.76 -26.45 1.20
CA ALA B 117 -3.26 -25.58 2.26
C ALA B 117 -2.76 -25.99 3.63
N ASN B 118 -2.26 -27.22 3.73
CA ASN B 118 -1.74 -27.74 5.00
C ASN B 118 -0.28 -27.42 5.22
N HIS B 119 0.38 -26.94 4.17
CA HIS B 119 1.79 -26.55 4.22
C HIS B 119 2.63 -27.47 5.12
N LEU B 120 2.58 -28.76 4.82
CA LEU B 120 3.32 -29.75 5.57
C LEU B 120 4.71 -29.86 4.94
N LYS B 121 5.74 -29.94 5.77
CA LYS B 121 7.09 -29.99 5.26
C LYS B 121 7.38 -30.94 4.13
N ARG B 122 6.76 -32.12 4.13
CA ARG B 122 7.05 -33.08 3.07
C ARG B 122 6.05 -33.09 1.93
N HIS B 123 5.40 -31.95 1.71
CA HIS B 123 4.42 -31.79 0.65
C HIS B 123 4.97 -32.20 -0.73
N ASN B 124 6.19 -31.79 -1.06
CA ASN B 124 6.79 -32.11 -2.36
C ASN B 124 6.69 -33.59 -2.72
N LEU B 125 6.62 -34.43 -1.70
CA LEU B 125 6.54 -35.88 -1.92
C LEU B 125 5.15 -36.33 -2.34
N TYR B 126 4.15 -35.47 -2.19
CA TYR B 126 2.77 -35.85 -2.53
C TYR B 126 2.04 -35.00 -3.57
N LYS B 127 2.62 -33.86 -3.93
CA LYS B 127 1.99 -32.97 -4.90
C LYS B 127 1.61 -33.62 -6.23
N ASN B 128 2.34 -34.66 -6.66
CA ASN B 128 2.04 -35.33 -7.92
C ASN B 128 0.83 -36.27 -7.83
N ILE B 129 0.18 -36.30 -6.68
CA ILE B 129 -1.00 -37.15 -6.51
C ILE B 129 -2.23 -36.36 -6.88
N ALA B 130 -2.88 -36.75 -7.96
CA ALA B 130 -4.07 -36.06 -8.43
C ALA B 130 -5.24 -36.25 -7.48
N LYS B 131 -5.59 -37.50 -7.22
CA LYS B 131 -6.71 -37.81 -6.34
C LYS B 131 -6.52 -39.20 -5.76
N THR B 132 -7.29 -39.50 -4.72
CA THR B 132 -7.24 -40.80 -4.07
C THR B 132 -8.69 -41.27 -3.87
N GLU B 133 -9.02 -42.43 -4.42
CA GLU B 133 -10.36 -42.97 -4.32
C GLU B 133 -10.43 -44.21 -3.45
N ALA B 134 -11.45 -44.25 -2.58
CA ALA B 134 -11.66 -45.40 -1.72
C ALA B 134 -12.66 -46.33 -2.40
N ILE B 135 -12.16 -47.19 -3.28
CA ILE B 135 -12.99 -48.14 -4.03
C ILE B 135 -13.85 -48.97 -3.09
N ASP B 136 -13.20 -49.69 -2.18
CA ASP B 136 -13.89 -50.50 -1.19
C ASP B 136 -12.99 -50.56 0.04
N PRO B 137 -13.55 -50.86 1.22
CA PRO B 137 -12.74 -50.93 2.44
C PRO B 137 -11.32 -51.48 2.30
N THR B 138 -11.08 -52.36 1.32
CA THR B 138 -9.75 -52.93 1.14
C THR B 138 -9.09 -52.56 -0.18
N THR B 139 -9.76 -51.75 -0.98
CA THR B 139 -9.21 -51.36 -2.26
C THR B 139 -9.09 -49.85 -2.42
N VAL B 140 -7.87 -49.38 -2.66
CA VAL B 140 -7.60 -47.96 -2.83
C VAL B 140 -7.03 -47.72 -4.21
N LYS B 141 -7.47 -46.62 -4.84
CA LYS B 141 -7.04 -46.27 -6.17
C LYS B 141 -6.48 -44.87 -6.20
N ILE B 142 -5.18 -44.78 -6.50
CA ILE B 142 -4.46 -43.50 -6.54
C ILE B 142 -4.11 -43.13 -7.99
N THR B 143 -4.35 -41.89 -8.39
CA THR B 143 -3.99 -41.48 -9.74
C THR B 143 -3.01 -40.30 -9.66
N LEU B 144 -1.96 -40.35 -10.47
CA LEU B 144 -0.95 -39.30 -10.48
C LEU B 144 -1.21 -38.26 -11.55
N LYS B 145 -0.47 -37.16 -11.50
CA LYS B 145 -0.62 -36.12 -12.49
C LYS B 145 0.29 -36.43 -13.67
N GLN B 146 1.42 -37.07 -13.36
CA GLN B 146 2.39 -37.48 -14.37
C GLN B 146 2.98 -38.80 -13.87
N PRO B 147 3.54 -39.62 -14.78
CA PRO B 147 4.13 -40.89 -14.34
C PRO B 147 5.30 -40.65 -13.39
N PHE B 148 5.53 -41.59 -12.48
CA PHE B 148 6.60 -41.45 -11.52
C PHE B 148 6.86 -42.83 -10.90
N SER B 149 7.70 -43.61 -11.57
CA SER B 149 8.01 -44.96 -11.12
C SER B 149 8.63 -45.06 -9.73
N ALA B 150 8.90 -43.91 -9.11
CA ALA B 150 9.48 -43.90 -7.78
C ALA B 150 8.37 -43.74 -6.74
N PHE B 151 7.13 -43.65 -7.21
CA PHE B 151 5.99 -43.46 -6.30
C PHE B 151 5.84 -44.53 -5.23
N ILE B 152 6.09 -45.78 -5.60
CA ILE B 152 5.99 -46.89 -4.64
C ILE B 152 6.96 -46.60 -3.51
N ASN B 153 8.15 -46.12 -3.87
CA ASN B 153 9.17 -45.81 -2.90
C ASN B 153 8.70 -44.69 -1.99
N ILE B 154 7.88 -43.80 -2.53
CA ILE B 154 7.35 -42.72 -1.72
C ILE B 154 6.37 -43.34 -0.71
N LEU B 155 5.63 -44.36 -1.14
CA LEU B 155 4.69 -45.01 -0.23
C LEU B 155 5.46 -45.79 0.82
N ALA B 156 6.71 -46.12 0.52
CA ALA B 156 7.53 -46.87 1.47
C ALA B 156 8.35 -45.93 2.34
N HIS B 157 8.26 -44.63 2.06
CA HIS B 157 9.02 -43.63 2.81
C HIS B 157 8.45 -43.46 4.21
N PRO B 158 9.31 -43.39 5.23
CA PRO B 158 8.85 -43.23 6.61
C PRO B 158 7.90 -42.05 6.84
N ALA B 159 7.88 -41.11 5.90
CA ALA B 159 7.03 -39.95 6.02
C ALA B 159 5.54 -40.27 5.80
N THR B 160 5.28 -41.17 4.86
CA THR B 160 3.90 -41.52 4.52
C THR B 160 3.23 -42.49 5.48
N ALA B 161 3.01 -42.04 6.71
CA ALA B 161 2.38 -42.89 7.71
C ALA B 161 0.85 -42.89 7.59
N MSE B 162 0.23 -43.97 8.04
CA MSE B 162 -1.20 -44.07 8.00
C MSE B 162 -1.74 -43.65 9.37
O MSE B 162 -1.78 -44.44 10.31
CB MSE B 162 -1.64 -45.49 7.65
CG MSE B 162 -1.31 -45.89 6.21
SE MSE B 162 -2.04 -44.67 4.88
CE MSE B 162 -0.46 -43.60 4.54
N ILE B 163 -2.13 -42.39 9.47
CA ILE B 163 -2.64 -41.83 10.71
C ILE B 163 -4.15 -42.00 10.85
N SER B 164 -4.59 -42.19 12.10
CA SER B 164 -6.00 -42.35 12.38
C SER B 164 -6.77 -41.13 11.91
N PRO B 165 -7.73 -41.32 10.99
CA PRO B 165 -8.49 -40.15 10.51
C PRO B 165 -9.16 -39.42 11.67
N ALA B 166 -9.55 -40.17 12.69
CA ALA B 166 -10.20 -39.60 13.89
C ALA B 166 -9.20 -38.76 14.67
N ALA B 167 -7.94 -39.20 14.68
CA ALA B 167 -6.89 -38.47 15.37
C ALA B 167 -6.71 -37.14 14.66
N LEU B 168 -6.70 -37.18 13.32
CA LEU B 168 -6.56 -35.97 12.51
C LEU B 168 -7.60 -34.94 12.87
N GLU B 169 -8.83 -35.39 13.10
CA GLU B 169 -9.91 -34.47 13.45
C GLU B 169 -9.87 -33.98 14.90
N LYS B 170 -9.53 -34.87 15.83
CA LYS B 170 -9.50 -34.47 17.22
C LYS B 170 -8.37 -33.51 17.56
N TYR B 171 -7.15 -33.87 17.17
CA TYR B 171 -5.99 -33.04 17.48
C TYR B 171 -5.71 -31.95 16.47
N GLY B 172 -6.14 -32.15 15.23
CA GLY B 172 -5.90 -31.15 14.21
C GLY B 172 -4.45 -30.73 14.10
N LYS B 173 -4.19 -29.44 14.14
CA LYS B 173 -2.84 -28.91 14.03
C LYS B 173 -1.94 -29.37 15.18
N GLU B 174 -2.50 -30.06 16.17
CA GLU B 174 -1.69 -30.54 17.28
C GLU B 174 -1.39 -32.03 17.15
N ILE B 175 -1.73 -32.59 15.99
CA ILE B 175 -1.51 -34.01 15.70
C ILE B 175 -0.04 -34.41 15.94
N GLY B 176 0.86 -33.45 15.76
CA GLY B 176 2.27 -33.71 15.94
C GLY B 176 2.71 -34.05 17.36
N PHE B 177 1.84 -33.78 18.34
CA PHE B 177 2.19 -34.08 19.72
C PHE B 177 1.53 -35.34 20.23
N TYR B 178 0.45 -35.75 19.58
CA TYR B 178 -0.29 -36.92 20.03
C TYR B 178 -0.56 -37.90 18.90
N PRO B 179 0.48 -38.60 18.44
CA PRO B 179 0.33 -39.57 17.35
C PRO B 179 -0.61 -40.72 17.69
N VAL B 180 -1.37 -41.16 16.70
CA VAL B 180 -2.30 -42.28 16.88
C VAL B 180 -2.25 -43.12 15.61
N GLY B 181 -1.54 -44.24 15.65
CA GLY B 181 -1.42 -45.08 14.49
C GLY B 181 -1.85 -46.53 14.64
N THR B 182 -1.28 -47.38 13.81
CA THR B 182 -1.59 -48.80 13.83
C THR B 182 -0.43 -49.61 14.39
N GLY B 183 0.71 -48.94 14.55
CA GLY B 183 1.93 -49.59 15.04
C GLY B 183 1.84 -50.37 16.34
N PRO B 184 2.94 -51.07 16.71
CA PRO B 184 3.06 -51.88 17.92
C PRO B 184 3.10 -51.09 19.22
N TYR B 185 3.37 -49.79 19.16
CA TYR B 185 3.40 -48.98 20.38
C TYR B 185 2.51 -47.75 20.34
N GLU B 186 1.93 -47.44 21.51
CA GLU B 186 1.09 -46.28 21.73
C GLU B 186 2.00 -45.27 22.40
N LEU B 187 1.64 -44.00 22.33
CA LEU B 187 2.43 -42.97 23.00
C LEU B 187 2.10 -43.07 24.47
N ASP B 188 3.12 -42.99 25.31
CA ASP B 188 2.91 -43.06 26.74
C ASP B 188 2.99 -41.63 27.28
N THR B 189 3.97 -40.87 26.80
CA THR B 189 4.17 -39.50 27.21
C THR B 189 5.32 -38.87 26.45
N TRP B 190 5.17 -37.62 26.08
CA TRP B 190 6.24 -36.93 25.38
C TRP B 190 6.68 -35.71 26.20
N ASN B 191 7.83 -35.83 26.87
CA ASN B 191 8.41 -34.76 27.66
C ASN B 191 9.21 -33.87 26.74
N GLN B 192 8.58 -32.84 26.18
CA GLN B 192 9.25 -31.92 25.27
C GLN B 192 10.69 -31.66 25.67
N THR B 193 11.53 -31.50 24.65
CA THR B 193 12.95 -31.25 24.85
C THR B 193 13.56 -32.40 25.64
N ASP B 194 12.85 -33.54 25.61
CA ASP B 194 13.30 -34.75 26.28
C ASP B 194 12.74 -36.01 25.64
N PHE B 195 12.86 -37.10 26.39
CA PHE B 195 12.43 -38.41 25.94
C PHE B 195 10.97 -38.60 25.52
N VAL B 196 10.80 -39.54 24.61
CA VAL B 196 9.49 -39.92 24.13
C VAL B 196 9.40 -41.36 24.63
N LYS B 197 8.37 -41.68 25.41
CA LYS B 197 8.24 -43.03 25.90
C LYS B 197 7.05 -43.70 25.27
N VAL B 198 7.25 -44.91 24.76
CA VAL B 198 6.15 -45.63 24.12
C VAL B 198 5.85 -46.95 24.82
N LYS B 199 4.55 -47.21 25.03
CA LYS B 199 4.11 -48.44 25.69
C LYS B 199 3.42 -49.41 24.72
N LYS B 200 3.55 -50.69 25.02
CA LYS B 200 2.98 -51.76 24.20
C LYS B 200 1.49 -51.62 23.88
N PHE B 201 1.17 -51.72 22.60
CA PHE B 201 -0.21 -51.64 22.15
C PHE B 201 -0.79 -53.06 22.15
N ALA B 202 -1.66 -53.35 23.13
CA ALA B 202 -2.28 -54.66 23.25
C ALA B 202 -3.12 -55.05 22.04
N GLY B 203 -3.66 -54.04 21.34
CA GLY B 203 -4.47 -54.30 20.18
C GLY B 203 -3.72 -54.36 18.86
N TYR B 204 -2.40 -54.49 18.89
CA TYR B 204 -1.63 -54.54 17.64
C TYR B 204 -2.15 -55.66 16.73
N TRP B 205 -2.17 -55.39 15.42
CA TRP B 205 -2.67 -56.35 14.45
C TRP B 205 -1.83 -57.60 14.22
N GLN B 206 -0.64 -57.66 14.81
CA GLN B 206 0.22 -58.84 14.66
C GLN B 206 0.39 -59.58 15.98
N PRO B 207 -0.20 -60.77 16.10
CA PRO B 207 -0.19 -61.66 17.27
C PRO B 207 1.19 -61.93 17.86
N GLY B 208 1.34 -61.70 19.15
CA GLY B 208 2.62 -61.94 19.81
C GLY B 208 3.63 -60.82 19.71
N LEU B 209 3.26 -59.73 19.04
CA LEU B 209 4.14 -58.59 18.90
C LEU B 209 3.44 -57.35 19.41
N PRO B 210 4.20 -56.41 19.99
CA PRO B 210 5.65 -56.50 20.17
C PRO B 210 6.04 -57.37 21.37
N LYS B 211 7.34 -57.68 21.50
CA LYS B 211 7.85 -58.47 22.63
C LYS B 211 8.19 -57.51 23.77
N LEU B 212 8.56 -56.28 23.43
CA LEU B 212 8.90 -55.30 24.46
C LEU B 212 7.67 -54.67 25.11
N ASP B 213 7.81 -54.28 26.36
CA ASP B 213 6.71 -53.66 27.09
C ASP B 213 6.74 -52.17 26.84
N SER B 214 7.93 -51.66 26.53
CA SER B 214 8.07 -50.23 26.25
C SER B 214 9.44 -49.85 25.70
N ILE B 215 9.47 -48.70 25.05
CA ILE B 215 10.72 -48.17 24.52
C ILE B 215 10.74 -46.70 24.94
N THR B 216 11.91 -46.21 25.33
CA THR B 216 12.07 -44.81 25.72
C THR B 216 13.17 -44.21 24.87
N TRP B 217 12.79 -43.30 23.97
CA TRP B 217 13.75 -42.65 23.10
C TRP B 217 14.29 -41.39 23.76
N ARG B 218 15.56 -41.41 24.11
CA ARG B 218 16.18 -40.28 24.78
C ARG B 218 17.17 -39.51 23.93
N PRO B 219 16.91 -38.21 23.73
CA PRO B 219 17.81 -37.35 22.95
C PRO B 219 19.03 -37.11 23.83
N VAL B 220 20.22 -37.17 23.25
CA VAL B 220 21.44 -36.93 24.02
C VAL B 220 22.43 -36.19 23.14
N ALA B 221 22.58 -34.89 23.39
CA ALA B 221 23.47 -34.05 22.61
C ALA B 221 24.95 -34.38 22.80
N ASP B 222 25.37 -34.59 24.03
CA ASP B 222 26.77 -34.91 24.30
C ASP B 222 27.13 -36.28 23.75
N ASN B 223 27.93 -36.30 22.68
CA ASN B 223 28.37 -37.53 22.02
C ASN B 223 28.95 -38.57 22.99
N ASN B 224 30.01 -38.22 23.69
CA ASN B 224 30.62 -39.15 24.62
C ASN B 224 29.62 -39.71 25.63
N THR B 225 28.82 -38.84 26.23
CA THR B 225 27.82 -39.28 27.19
C THR B 225 26.94 -40.38 26.61
N ARG B 226 26.46 -40.16 25.39
CA ARG B 226 25.59 -41.09 24.71
C ARG B 226 26.17 -42.50 24.71
N ALA B 227 27.47 -42.59 24.46
CA ALA B 227 28.14 -43.88 24.43
C ALA B 227 28.36 -44.45 25.83
N ALA B 228 28.54 -43.56 26.79
CA ALA B 228 28.79 -43.97 28.16
C ALA B 228 27.55 -44.59 28.82
N MSE B 229 26.37 -44.30 28.28
CA MSE B 229 25.13 -44.85 28.82
C MSE B 229 24.99 -46.33 28.51
O MSE B 229 24.34 -47.06 29.27
CB MSE B 229 23.92 -44.09 28.29
CG MSE B 229 23.71 -42.74 28.97
SE MSE B 229 22.25 -41.73 28.20
CE MSE B 229 20.82 -42.98 28.53
N LEU B 230 25.58 -46.76 27.41
CA LEU B 230 25.55 -48.17 27.01
C LEU B 230 26.37 -48.94 28.03
N GLN B 231 27.48 -48.34 28.42
CA GLN B 231 28.41 -48.91 29.38
C GLN B 231 27.81 -49.11 30.77
N THR B 232 27.09 -48.09 31.24
CA THR B 232 26.47 -48.16 32.55
C THR B 232 25.20 -49.00 32.52
N GLY B 233 24.63 -49.18 31.33
CA GLY B 233 23.40 -49.95 31.22
C GLY B 233 22.20 -49.03 31.35
N GLU B 234 22.48 -47.74 31.32
CA GLU B 234 21.45 -46.72 31.43
C GLU B 234 20.60 -46.76 30.14
N ALA B 235 21.22 -47.17 29.05
CA ALA B 235 20.53 -47.28 27.77
C ALA B 235 20.93 -48.64 27.18
N GLN B 236 20.07 -49.22 26.35
CA GLN B 236 20.38 -50.53 25.74
C GLN B 236 20.79 -50.45 24.27
N PHE B 237 20.62 -49.28 23.67
CA PHE B 237 20.97 -49.05 22.27
C PHE B 237 21.36 -47.58 22.12
N ALA B 238 22.29 -47.29 21.23
CA ALA B 238 22.70 -45.91 21.04
C ALA B 238 23.24 -45.66 19.65
N PHE B 239 22.97 -44.47 19.13
CA PHE B 239 23.42 -44.08 17.82
C PHE B 239 23.23 -42.57 17.68
N PRO B 240 24.23 -41.86 17.12
CA PRO B 240 25.48 -42.43 16.61
C PRO B 240 26.52 -42.61 17.71
N ILE B 241 27.51 -43.46 17.44
CA ILE B 241 28.59 -43.71 18.38
C ILE B 241 29.81 -42.89 17.98
N PRO B 242 30.27 -41.98 18.86
CA PRO B 242 31.44 -41.15 18.54
C PRO B 242 32.68 -42.02 18.32
N TYR B 243 33.43 -41.73 17.26
CA TYR B 243 34.63 -42.48 16.93
C TYR B 243 35.48 -42.79 18.14
N GLU B 244 35.91 -41.73 18.82
CA GLU B 244 36.74 -41.83 20.02
C GLU B 244 36.24 -42.88 21.02
N GLN B 245 34.93 -43.13 21.02
CA GLN B 245 34.35 -44.07 21.96
C GLN B 245 34.14 -45.48 21.40
N ALA B 246 34.18 -45.63 20.09
CA ALA B 246 33.98 -46.92 19.46
C ALA B 246 34.85 -48.03 20.04
N THR B 247 36.17 -47.83 20.00
CA THR B 247 37.11 -48.82 20.52
C THR B 247 36.81 -49.21 21.94
N LEU B 248 36.44 -48.21 22.74
CA LEU B 248 36.13 -48.45 24.14
C LEU B 248 34.99 -49.46 24.26
N LEU B 249 33.93 -49.21 23.50
CA LEU B 249 32.73 -50.06 23.49
C LEU B 249 33.00 -51.42 22.85
N GLU B 250 33.73 -51.40 21.73
CA GLU B 250 34.05 -52.63 21.03
C GLU B 250 34.55 -53.65 22.04
N LYS B 251 35.55 -53.26 22.82
CA LYS B 251 36.11 -54.15 23.82
C LYS B 251 35.07 -54.72 24.77
N ASN B 252 34.32 -53.85 25.45
CA ASN B 252 33.29 -54.30 26.39
C ASN B 252 32.63 -55.58 25.86
N LYS B 253 32.64 -56.62 26.68
CA LYS B 253 32.10 -57.93 26.31
C LYS B 253 30.59 -58.00 26.25
N ASN B 254 29.92 -57.16 27.03
CA ASN B 254 28.45 -57.15 27.06
C ASN B 254 27.85 -56.21 26.02
N ILE B 255 28.69 -55.49 25.29
CA ILE B 255 28.21 -54.56 24.28
C ILE B 255 28.68 -54.93 22.87
N GLU B 256 27.74 -54.97 21.93
CA GLU B 256 28.04 -55.32 20.56
C GLU B 256 28.14 -54.08 19.68
N LEU B 257 29.37 -53.67 19.36
CA LEU B 257 29.59 -52.50 18.52
C LEU B 257 29.51 -52.90 17.06
N MSE B 258 28.85 -52.08 16.25
CA MSE B 258 28.73 -52.37 14.82
C MSE B 258 28.94 -51.18 13.90
O MSE B 258 28.54 -50.06 14.20
CB MSE B 258 27.34 -52.94 14.51
CG MSE B 258 27.25 -54.45 14.53
SE MSE B 258 25.47 -55.03 13.97
CE MSE B 258 25.62 -54.58 12.09
N ALA B 259 29.58 -51.44 12.78
CA ALA B 259 29.84 -50.44 11.75
C ALA B 259 29.09 -51.03 10.54
N SER B 260 28.08 -50.33 10.04
CA SER B 260 27.30 -50.84 8.93
C SER B 260 27.16 -49.86 7.77
N PRO B 261 26.64 -50.33 6.63
CA PRO B 261 26.49 -49.43 5.49
C PRO B 261 25.48 -48.30 5.66
N SER B 262 25.87 -47.11 5.19
CA SER B 262 25.03 -45.92 5.23
C SER B 262 24.74 -45.50 3.79
N ILE B 263 23.86 -44.53 3.63
CA ILE B 263 23.56 -44.03 2.29
C ILE B 263 24.01 -42.60 2.15
N MSE B 264 24.97 -42.20 2.98
CA MSE B 264 25.49 -40.85 2.93
C MSE B 264 26.67 -40.81 1.95
O MSE B 264 27.70 -41.42 2.21
CB MSE B 264 25.96 -40.39 4.31
CG MSE B 264 26.61 -39.00 4.30
SE MSE B 264 25.50 -37.57 3.54
CE MSE B 264 24.46 -37.11 5.11
N GLN B 265 26.48 -40.10 0.85
CA GLN B 265 27.52 -39.98 -0.16
C GLN B 265 28.31 -38.69 0.08
N ARG B 266 29.63 -38.81 0.18
CA ARG B 266 30.48 -37.65 0.36
C ARG B 266 31.23 -37.43 -0.94
N TYR B 267 31.57 -36.19 -1.24
CA TYR B 267 32.27 -35.91 -2.48
C TYR B 267 32.53 -34.43 -2.62
N ILE B 268 33.24 -34.08 -3.69
CA ILE B 268 33.52 -32.69 -3.98
C ILE B 268 32.99 -32.44 -5.37
N SER B 269 32.31 -31.32 -5.57
CA SER B 269 31.79 -31.02 -6.89
C SER B 269 32.63 -29.92 -7.51
N MSE B 270 32.93 -30.07 -8.79
CA MSE B 270 33.73 -29.08 -9.50
C MSE B 270 32.84 -28.41 -10.53
O MSE B 270 32.08 -29.07 -11.21
CB MSE B 270 34.89 -29.77 -10.20
CG MSE B 270 35.70 -30.66 -9.27
SE MSE B 270 37.18 -31.52 -10.16
CE MSE B 270 36.33 -33.19 -10.66
N ASN B 271 32.94 -27.09 -10.65
CA ASN B 271 32.13 -26.39 -11.63
C ASN B 271 32.75 -26.65 -13.01
N VAL B 272 32.14 -27.56 -13.76
CA VAL B 272 32.62 -27.95 -15.08
C VAL B 272 32.35 -26.92 -16.16
N THR B 273 32.05 -25.69 -15.76
CA THR B 273 31.76 -24.64 -16.72
C THR B 273 32.71 -23.46 -16.51
N GLN B 274 33.63 -23.60 -15.56
CA GLN B 274 34.55 -22.53 -15.24
C GLN B 274 36.02 -22.90 -15.22
N LYS B 275 36.83 -21.92 -14.85
CA LYS B 275 38.27 -22.01 -14.71
C LYS B 275 38.95 -23.23 -15.36
N PRO B 276 39.77 -24.01 -14.61
CA PRO B 276 40.35 -25.14 -15.35
C PRO B 276 39.53 -26.41 -15.27
N PHE B 277 38.33 -26.32 -14.72
CA PHE B 277 37.48 -27.49 -14.55
C PHE B 277 36.67 -27.89 -15.78
N ASP B 278 36.66 -27.07 -16.82
CA ASP B 278 35.92 -27.40 -18.03
C ASP B 278 36.76 -28.33 -18.89
N ASN B 279 37.97 -28.62 -18.41
CA ASN B 279 38.90 -29.50 -19.09
C ASN B 279 38.81 -30.88 -18.45
N PRO B 280 38.09 -31.81 -19.09
CA PRO B 280 37.93 -33.18 -18.57
C PRO B 280 39.21 -33.83 -18.06
N LYS B 281 40.35 -33.47 -18.63
CA LYS B 281 41.61 -34.05 -18.20
C LYS B 281 42.08 -33.44 -16.88
N VAL B 282 41.55 -32.28 -16.54
CA VAL B 282 41.89 -31.62 -15.28
C VAL B 282 41.14 -32.33 -14.15
N ARG B 283 39.86 -32.58 -14.40
CA ARG B 283 38.99 -33.25 -13.43
C ARG B 283 39.45 -34.69 -13.19
N GLU B 284 39.91 -35.34 -14.26
CA GLU B 284 40.38 -36.71 -14.15
C GLU B 284 41.61 -36.70 -13.25
N ALA B 285 42.47 -35.71 -13.46
CA ALA B 285 43.71 -35.57 -12.69
C ALA B 285 43.46 -35.48 -11.19
N LEU B 286 42.60 -34.55 -10.78
CA LEU B 286 42.30 -34.36 -9.36
C LEU B 286 41.82 -35.62 -8.68
N ASN B 287 41.22 -36.54 -9.44
CA ASN B 287 40.74 -37.77 -8.85
C ASN B 287 41.90 -38.67 -8.44
N TYR B 288 42.99 -38.59 -9.19
CA TYR B 288 44.19 -39.38 -8.89
C TYR B 288 44.93 -38.84 -7.67
N ALA B 289 44.88 -37.54 -7.49
CA ALA B 289 45.55 -36.86 -6.38
C ALA B 289 45.16 -37.37 -4.99
N ILE B 290 43.86 -37.53 -4.77
CA ILE B 290 43.34 -37.97 -3.48
C ILE B 290 43.55 -39.44 -3.14
N ASN B 291 44.08 -39.67 -1.94
CA ASN B 291 44.32 -41.03 -1.43
C ASN B 291 43.14 -41.38 -0.52
N ARG B 292 42.06 -41.82 -1.13
CA ARG B 292 40.84 -42.15 -0.41
C ARG B 292 41.02 -43.13 0.75
N PRO B 293 41.80 -44.20 0.55
CA PRO B 293 41.99 -45.14 1.65
C PRO B 293 42.56 -44.44 2.88
N ALA B 294 43.41 -43.44 2.64
CA ALA B 294 44.01 -42.66 3.70
C ALA B 294 43.00 -41.66 4.26
N LEU B 295 42.14 -41.13 3.38
CA LEU B 295 41.12 -40.18 3.81
C LEU B 295 40.19 -40.93 4.75
N VAL B 296 39.89 -42.18 4.40
CA VAL B 296 39.02 -43.00 5.23
C VAL B 296 39.62 -43.16 6.63
N LYS B 297 40.93 -43.01 6.75
CA LYS B 297 41.59 -43.14 8.04
C LYS B 297 41.86 -41.83 8.78
N VAL B 298 42.09 -40.75 8.04
CA VAL B 298 42.37 -39.47 8.66
C VAL B 298 41.12 -38.73 9.16
N ALA B 299 40.06 -38.75 8.36
CA ALA B 299 38.83 -38.05 8.72
C ALA B 299 37.68 -38.91 9.24
N PHE B 300 37.70 -40.22 8.98
CA PHE B 300 36.61 -41.07 9.43
C PHE B 300 36.98 -42.24 10.34
N ALA B 301 38.14 -42.15 10.98
CA ALA B 301 38.64 -43.18 11.90
C ALA B 301 38.39 -44.60 11.40
N GLY B 302 38.42 -44.79 10.09
CA GLY B 302 38.20 -46.11 9.53
C GLY B 302 36.76 -46.50 9.30
N TYR B 303 35.82 -45.62 9.65
CA TYR B 303 34.40 -45.95 9.46
C TYR B 303 33.78 -45.34 8.21
N ALA B 304 34.24 -45.84 7.06
CA ALA B 304 33.77 -45.38 5.76
C ALA B 304 34.45 -46.25 4.71
N THR B 305 33.97 -46.20 3.47
CA THR B 305 34.56 -46.99 2.41
C THR B 305 34.89 -46.07 1.24
N PRO B 306 35.97 -46.37 0.49
CA PRO B 306 36.32 -45.51 -0.65
C PRO B 306 35.18 -45.55 -1.66
N ALA B 307 34.85 -44.39 -2.21
CA ALA B 307 33.77 -44.30 -3.18
C ALA B 307 34.09 -45.08 -4.46
N THR B 308 33.17 -45.96 -4.86
CA THR B 308 33.33 -46.74 -6.07
C THR B 308 32.12 -46.48 -6.96
N GLY B 309 31.56 -45.28 -6.82
CA GLY B 309 30.40 -44.88 -7.61
C GLY B 309 29.95 -43.50 -7.17
N VAL B 310 28.95 -42.92 -7.84
CA VAL B 310 28.46 -41.61 -7.44
C VAL B 310 27.24 -41.82 -6.55
N VAL B 311 26.71 -43.04 -6.60
CA VAL B 311 25.55 -43.41 -5.82
C VAL B 311 25.94 -44.48 -4.80
N PRO B 312 25.48 -44.34 -3.55
CA PRO B 312 25.78 -45.33 -2.51
C PRO B 312 25.18 -46.68 -2.90
N PRO B 313 25.98 -47.77 -2.76
CA PRO B 313 25.53 -49.13 -3.09
C PRO B 313 24.22 -49.63 -2.48
N SER B 314 23.83 -49.10 -1.32
CA SER B 314 22.59 -49.53 -0.68
C SER B 314 21.37 -48.98 -1.43
N ILE B 315 21.59 -47.94 -2.23
CA ILE B 315 20.53 -47.33 -3.02
C ILE B 315 20.15 -48.26 -4.20
N ALA B 316 18.89 -48.22 -4.62
CA ALA B 316 18.43 -49.06 -5.71
C ALA B 316 18.93 -48.59 -7.06
N TYR B 317 19.27 -49.55 -7.92
CA TYR B 317 19.76 -49.28 -9.26
C TYR B 317 21.13 -48.61 -9.25
N ALA B 318 21.83 -48.74 -8.13
CA ALA B 318 23.16 -48.14 -7.98
C ALA B 318 24.24 -48.89 -8.75
N GLN B 319 25.18 -48.14 -9.29
CA GLN B 319 26.30 -48.71 -10.06
C GLN B 319 27.66 -48.46 -9.43
N SER B 320 28.46 -49.51 -9.34
CA SER B 320 29.80 -49.43 -8.78
C SER B 320 30.85 -49.60 -9.88
N TYR B 321 32.02 -49.02 -9.67
CA TYR B 321 33.08 -49.08 -10.67
C TYR B 321 34.46 -49.40 -10.10
N LYS B 322 35.44 -49.43 -11.00
CA LYS B 322 36.83 -49.69 -10.63
C LYS B 322 37.26 -48.54 -9.74
N PRO B 323 37.86 -48.85 -8.58
CA PRO B 323 38.31 -47.82 -7.65
C PRO B 323 39.29 -46.84 -8.29
N TRP B 324 39.12 -45.55 -8.01
CA TRP B 324 40.03 -44.55 -8.55
C TRP B 324 41.42 -44.78 -7.98
N PRO B 325 42.34 -45.37 -8.77
CA PRO B 325 43.68 -45.63 -8.25
C PRO B 325 44.34 -44.35 -7.75
N TYR B 326 45.16 -44.49 -6.71
CA TYR B 326 45.85 -43.34 -6.15
C TYR B 326 47.22 -43.19 -6.81
N ASP B 327 47.45 -42.04 -7.42
CA ASP B 327 48.72 -41.78 -8.10
C ASP B 327 48.90 -40.29 -8.40
N PRO B 328 49.47 -39.53 -7.45
CA PRO B 328 49.69 -38.10 -7.65
C PRO B 328 50.67 -37.87 -8.79
N VAL B 329 51.45 -38.90 -9.09
CA VAL B 329 52.43 -38.85 -10.17
C VAL B 329 51.67 -38.78 -11.49
N LYS B 330 50.80 -39.75 -11.72
CA LYS B 330 49.99 -39.81 -12.92
C LYS B 330 49.14 -38.53 -13.01
N ALA B 331 48.91 -37.92 -11.85
CA ALA B 331 48.11 -36.70 -11.76
C ALA B 331 48.85 -35.47 -12.27
N ARG B 332 50.12 -35.33 -11.89
CA ARG B 332 50.91 -34.19 -12.33
C ARG B 332 51.22 -34.26 -13.83
N GLU B 333 51.37 -35.48 -14.35
CA GLU B 333 51.65 -35.68 -15.77
C GLU B 333 50.44 -35.35 -16.64
N LEU B 334 49.25 -35.48 -16.06
CA LEU B 334 48.01 -35.20 -16.78
C LEU B 334 47.75 -33.70 -16.76
N LEU B 335 47.94 -33.10 -15.59
CA LEU B 335 47.75 -31.66 -15.47
C LEU B 335 48.76 -30.98 -16.39
N LYS B 336 49.87 -31.67 -16.61
CA LYS B 336 50.92 -31.17 -17.47
C LYS B 336 50.44 -31.21 -18.91
N GLU B 337 50.00 -32.39 -19.36
CA GLU B 337 49.50 -32.55 -20.71
C GLU B 337 48.12 -31.92 -20.82
N ALA B 338 47.86 -30.95 -19.95
CA ALA B 338 46.61 -30.22 -19.93
C ALA B 338 46.95 -28.72 -19.92
N GLY B 339 48.24 -28.45 -20.01
CA GLY B 339 48.70 -27.07 -20.02
C GLY B 339 48.62 -26.49 -18.63
N TYR B 340 49.07 -27.25 -17.64
CA TYR B 340 49.04 -26.77 -16.27
C TYR B 340 50.21 -27.16 -15.37
N PRO B 341 51.44 -27.21 -15.91
CA PRO B 341 52.54 -27.57 -15.01
C PRO B 341 52.56 -26.44 -13.99
N ASN B 342 52.84 -26.75 -12.72
CA ASN B 342 52.83 -25.75 -11.66
C ASN B 342 51.37 -25.53 -11.25
N GLY B 343 50.52 -26.49 -11.60
CA GLY B 343 49.11 -26.43 -11.28
C GLY B 343 48.39 -25.11 -11.47
N PHE B 344 47.61 -24.74 -10.47
CA PHE B 344 46.84 -23.49 -10.48
C PHE B 344 46.30 -23.26 -9.07
N SER B 345 45.53 -22.18 -8.90
CA SER B 345 44.94 -21.86 -7.60
C SER B 345 43.44 -21.76 -7.74
N THR B 346 42.70 -22.28 -6.76
CA THR B 346 41.23 -22.24 -6.80
C THR B 346 40.64 -22.24 -5.40
N THR B 347 39.31 -22.13 -5.33
CA THR B 347 38.60 -22.13 -4.05
C THR B 347 37.86 -23.45 -3.77
N LEU B 348 37.92 -23.88 -2.51
CA LEU B 348 37.25 -25.10 -2.06
C LEU B 348 36.37 -24.79 -0.86
N TRP B 349 35.07 -24.67 -1.12
CA TRP B 349 34.11 -24.37 -0.07
C TRP B 349 33.46 -25.63 0.49
N SER B 350 32.89 -25.48 1.67
CA SER B 350 32.19 -26.58 2.34
C SER B 350 31.23 -25.91 3.30
N SER B 351 30.35 -26.69 3.91
CA SER B 351 29.43 -26.10 4.85
C SER B 351 30.09 -26.10 6.24
N HIS B 352 29.63 -25.20 7.09
CA HIS B 352 30.15 -25.05 8.45
C HIS B 352 29.55 -26.10 9.37
N ASN B 353 30.40 -26.82 10.09
CA ASN B 353 29.91 -27.82 11.03
C ASN B 353 30.93 -28.19 12.09
N HIS B 354 30.65 -29.27 12.83
CA HIS B 354 31.54 -29.71 13.90
C HIS B 354 31.79 -31.21 13.85
N SER B 355 31.98 -31.76 12.66
CA SER B 355 32.22 -33.19 12.52
C SER B 355 33.49 -33.54 11.77
N THR B 356 33.30 -34.28 10.69
CA THR B 356 34.40 -34.76 9.87
C THR B 356 34.94 -33.75 8.85
N ALA B 357 34.07 -32.88 8.35
CA ALA B 357 34.44 -31.88 7.34
C ALA B 357 35.82 -31.25 7.51
N GLN B 358 36.02 -30.56 8.63
CA GLN B 358 37.29 -29.89 8.90
C GLN B 358 38.50 -30.69 8.47
N LYS B 359 38.66 -31.89 9.04
CA LYS B 359 39.81 -32.74 8.72
C LYS B 359 39.83 -33.18 7.28
N VAL B 360 38.66 -33.33 6.68
CA VAL B 360 38.62 -33.73 5.29
C VAL B 360 39.24 -32.59 4.48
N LEU B 361 38.82 -31.36 4.78
CA LEU B 361 39.33 -30.18 4.07
C LEU B 361 40.83 -30.01 4.31
N GLN B 362 41.27 -30.32 5.52
CA GLN B 362 42.68 -30.21 5.88
C GLN B 362 43.50 -31.22 5.09
N PHE B 363 43.01 -32.47 5.05
CA PHE B 363 43.70 -33.53 4.34
C PHE B 363 43.52 -33.39 2.84
N THR B 364 42.56 -32.58 2.42
CA THR B 364 42.30 -32.39 1.00
C THR B 364 43.28 -31.45 0.33
N GLN B 365 43.32 -30.20 0.76
CA GLN B 365 44.24 -29.25 0.15
C GLN B 365 45.68 -29.65 0.45
N GLN B 366 45.90 -30.22 1.64
CA GLN B 366 47.24 -30.68 2.01
C GLN B 366 47.63 -31.79 1.06
N GLN B 367 46.62 -32.34 0.38
CA GLN B 367 46.81 -33.42 -0.59
C GLN B 367 46.78 -32.83 -1.99
N LEU B 368 46.08 -31.71 -2.14
CA LEU B 368 45.96 -31.02 -3.41
C LEU B 368 47.30 -30.38 -3.73
N ALA B 369 47.79 -29.55 -2.81
CA ALA B 369 49.06 -28.89 -2.98
C ALA B 369 50.11 -29.93 -3.39
N GLN B 370 50.00 -31.14 -2.83
CA GLN B 370 50.92 -32.22 -3.13
C GLN B 370 51.05 -32.41 -4.63
N VAL B 371 50.12 -31.84 -5.38
CA VAL B 371 50.12 -31.96 -6.83
C VAL B 371 50.14 -30.59 -7.50
N GLY B 372 50.41 -29.55 -6.71
CA GLY B 372 50.49 -28.21 -7.26
C GLY B 372 49.25 -27.34 -7.21
N ILE B 373 48.15 -27.89 -6.68
CA ILE B 373 46.92 -27.12 -6.59
C ILE B 373 46.77 -26.42 -5.25
N LYS B 374 46.48 -25.12 -5.32
CA LYS B 374 46.30 -24.28 -4.14
C LYS B 374 44.82 -23.97 -3.94
N ALA B 375 44.15 -24.76 -3.09
CA ALA B 375 42.73 -24.55 -2.83
C ALA B 375 42.50 -23.66 -1.61
N GLN B 376 41.63 -22.67 -1.74
CA GLN B 376 41.34 -21.74 -0.64
C GLN B 376 40.05 -22.13 0.10
N VAL B 377 40.19 -23.05 1.06
CA VAL B 377 39.07 -23.54 1.86
C VAL B 377 38.24 -22.42 2.48
N THR B 378 36.96 -22.71 2.73
CA THR B 378 36.05 -21.74 3.33
C THR B 378 34.75 -22.42 3.79
N ALA B 379 34.55 -22.49 5.10
CA ALA B 379 33.34 -23.10 5.67
C ALA B 379 32.28 -22.02 5.88
N MSE B 380 31.25 -22.04 5.04
CA MSE B 380 30.19 -21.03 5.11
C MSE B 380 29.01 -21.37 6.00
O MSE B 380 28.52 -22.51 6.00
CB MSE B 380 29.68 -20.77 3.70
CG MSE B 380 30.72 -21.03 2.64
SE MSE B 380 30.02 -20.77 0.87
CE MSE B 380 31.11 -19.26 0.32
N ASP B 381 28.52 -20.38 6.74
CA ASP B 381 27.38 -20.59 7.62
C ASP B 381 26.09 -20.53 6.80
N ALA B 382 25.00 -21.06 7.37
CA ALA B 382 23.72 -21.08 6.68
C ALA B 382 23.52 -19.84 5.81
N GLY B 383 23.87 -18.68 6.35
CA GLY B 383 23.71 -17.44 5.60
C GLY B 383 24.50 -17.42 4.32
N GLN B 384 25.82 -17.54 4.42
CA GLN B 384 26.67 -17.50 3.24
C GLN B 384 26.36 -18.64 2.27
N ARG B 385 26.22 -19.85 2.80
CA ARG B 385 25.93 -21.01 1.98
C ARG B 385 24.67 -20.84 1.15
N ALA B 386 23.62 -20.32 1.77
CA ALA B 386 22.34 -20.10 1.10
C ALA B 386 22.41 -18.87 0.20
N ALA B 387 23.60 -18.26 0.14
CA ALA B 387 23.79 -17.06 -0.67
C ALA B 387 24.68 -17.32 -1.89
N GLU B 388 25.82 -17.96 -1.67
CA GLU B 388 26.76 -18.24 -2.75
C GLU B 388 26.53 -19.56 -3.47
N VAL B 389 26.02 -20.56 -2.74
CA VAL B 389 25.77 -21.86 -3.33
C VAL B 389 24.34 -21.96 -3.86
N GLU B 390 23.41 -22.37 -3.01
CA GLU B 390 22.01 -22.50 -3.42
C GLU B 390 21.29 -21.16 -3.42
N GLY B 391 21.37 -20.46 -4.55
CA GLY B 391 20.74 -19.17 -4.69
C GLY B 391 21.39 -18.42 -5.84
N LYS B 392 22.64 -18.77 -6.10
CA LYS B 392 23.40 -18.16 -7.18
C LYS B 392 23.24 -19.06 -8.41
N GLY B 393 23.25 -18.45 -9.59
CA GLY B 393 23.14 -19.20 -10.82
C GLY B 393 24.46 -19.06 -11.53
N GLN B 394 24.61 -19.66 -12.71
CA GLN B 394 25.87 -19.53 -13.42
C GLN B 394 26.11 -18.07 -13.81
N LYS B 395 27.36 -17.74 -14.11
CA LYS B 395 27.72 -16.37 -14.47
C LYS B 395 27.37 -15.50 -13.26
N GLU B 396 27.47 -16.11 -12.08
CA GLU B 396 27.17 -15.45 -10.81
C GLU B 396 27.81 -16.23 -9.68
N SER B 397 27.75 -17.56 -9.78
CA SER B 397 28.30 -18.44 -8.75
C SER B 397 29.82 -18.49 -8.70
N GLY B 398 30.36 -18.31 -7.50
CA GLY B 398 31.79 -18.37 -7.31
C GLY B 398 32.19 -19.79 -6.96
N VAL B 399 31.19 -20.67 -6.95
CA VAL B 399 31.40 -22.08 -6.63
C VAL B 399 32.32 -22.76 -7.64
N ARG B 400 33.46 -23.22 -7.16
CA ARG B 400 34.41 -23.91 -8.02
C ARG B 400 34.45 -25.36 -7.53
N MSE B 401 35.07 -25.56 -6.37
CA MSE B 401 35.16 -26.88 -5.75
C MSE B 401 34.30 -26.83 -4.49
O MSE B 401 34.40 -25.89 -3.71
CB MSE B 401 36.60 -27.21 -5.36
CG MSE B 401 37.57 -27.23 -6.52
SE MSE B 401 39.15 -28.26 -6.07
CE MSE B 401 38.77 -29.87 -7.06
N PHE B 402 33.46 -27.85 -4.29
CA PHE B 402 32.58 -27.85 -3.12
C PHE B 402 32.53 -29.19 -2.41
N TYR B 403 32.87 -29.18 -1.11
CA TYR B 403 32.82 -30.41 -0.33
C TYR B 403 31.44 -30.50 0.28
N THR B 404 30.72 -31.56 -0.04
CA THR B 404 29.37 -31.73 0.45
C THR B 404 29.03 -33.22 0.50
N GLY B 405 27.77 -33.53 0.79
CA GLY B 405 27.34 -34.91 0.85
C GLY B 405 25.88 -34.97 0.48
N TRP B 406 25.32 -36.16 0.29
CA TRP B 406 23.91 -36.29 -0.05
C TRP B 406 23.31 -37.66 0.22
N SER B 407 22.07 -37.66 0.71
CA SER B 407 21.34 -38.90 1.00
C SER B 407 19.96 -38.83 0.41
N ALA B 408 19.58 -39.88 -0.30
CA ALA B 408 18.26 -39.96 -0.92
C ALA B 408 17.41 -40.84 -0.01
N SER B 409 16.70 -40.20 0.91
CA SER B 409 15.86 -40.92 1.87
C SER B 409 14.87 -41.87 1.21
N THR B 410 14.62 -41.67 -0.09
CA THR B 410 13.69 -42.51 -0.86
C THR B 410 14.27 -43.91 -1.07
N GLY B 411 15.58 -44.03 -0.92
CA GLY B 411 16.25 -45.31 -1.09
C GLY B 411 16.35 -45.75 -2.54
N GLU B 412 15.97 -44.87 -3.46
CA GLU B 412 16.00 -45.17 -4.89
C GLU B 412 16.98 -44.26 -5.64
N ALA B 413 17.26 -44.56 -6.90
CA ALA B 413 18.23 -43.77 -7.68
C ALA B 413 17.81 -42.38 -8.14
N ASP B 414 16.55 -42.17 -8.46
CA ASP B 414 16.15 -40.83 -8.93
C ASP B 414 16.60 -39.72 -7.99
N TRP B 415 16.29 -39.86 -6.71
CA TRP B 415 16.66 -38.85 -5.76
C TRP B 415 18.16 -38.83 -5.46
N ALA B 416 18.89 -39.78 -6.02
CA ALA B 416 20.33 -39.82 -5.79
C ALA B 416 21.06 -39.19 -6.97
N LEU B 417 20.39 -39.12 -8.11
CA LEU B 417 20.97 -38.54 -9.31
C LEU B 417 20.41 -37.18 -9.73
N SER B 418 19.11 -37.09 -9.99
CA SER B 418 18.47 -35.84 -10.43
C SER B 418 18.87 -34.58 -9.68
N PRO B 419 18.57 -34.50 -8.38
CA PRO B 419 18.95 -33.28 -7.67
C PRO B 419 20.41 -32.84 -7.81
N LEU B 420 21.31 -33.78 -8.03
CA LEU B 420 22.74 -33.49 -8.15
C LEU B 420 23.33 -33.49 -9.57
N PHE B 421 22.67 -34.15 -10.52
CA PHE B 421 23.22 -34.23 -11.86
C PHE B 421 22.31 -33.77 -12.97
N ALA B 422 21.00 -33.73 -12.71
CA ALA B 422 20.06 -33.30 -13.73
C ALA B 422 20.31 -31.86 -14.15
N SER B 423 20.32 -31.63 -15.46
CA SER B 423 20.56 -30.31 -16.05
C SER B 423 19.61 -29.20 -15.58
N GLN B 424 18.34 -29.52 -15.38
CA GLN B 424 17.38 -28.49 -14.94
C GLN B 424 17.51 -28.12 -13.48
N ASN B 425 18.18 -28.97 -12.70
CA ASN B 425 18.32 -28.71 -11.27
C ASN B 425 19.53 -27.89 -10.85
N TRP B 426 20.12 -27.16 -11.79
CA TRP B 426 21.25 -26.32 -11.43
C TRP B 426 20.74 -25.29 -10.43
N PRO B 427 21.60 -24.83 -9.53
CA PRO B 427 21.09 -23.82 -8.60
C PRO B 427 20.67 -22.60 -9.44
N PRO B 428 19.78 -21.75 -8.90
CA PRO B 428 19.14 -21.85 -7.59
C PRO B 428 17.92 -22.76 -7.63
N THR B 429 17.82 -23.56 -8.69
CA THR B 429 16.68 -24.45 -8.81
C THR B 429 16.86 -25.63 -7.85
N LEU B 430 18.09 -26.13 -7.77
CA LEU B 430 18.37 -27.25 -6.89
C LEU B 430 19.87 -27.42 -6.57
N PHE B 431 20.28 -28.64 -6.24
CA PHE B 431 21.66 -28.93 -5.82
C PHE B 431 22.68 -29.49 -6.82
N ASN B 432 22.70 -29.01 -8.06
CA ASN B 432 23.66 -29.47 -9.06
C ASN B 432 24.88 -28.53 -8.99
N THR B 433 25.47 -28.42 -7.80
CA THR B 433 26.60 -27.52 -7.56
C THR B 433 27.80 -27.61 -8.51
N ALA B 434 27.84 -28.64 -9.34
CA ALA B 434 28.94 -28.77 -10.28
C ALA B 434 28.46 -28.23 -11.63
N PHE B 435 27.17 -27.93 -11.71
CA PHE B 435 26.54 -27.44 -12.93
C PHE B 435 26.91 -28.36 -14.08
N TYR B 436 26.58 -29.64 -13.88
CA TYR B 436 26.85 -30.68 -14.86
C TYR B 436 25.70 -30.73 -15.85
N SER B 437 26.00 -31.08 -17.09
CA SER B 437 24.97 -31.18 -18.11
C SER B 437 25.28 -32.29 -19.09
N ASN B 438 24.25 -33.03 -19.47
CA ASN B 438 24.40 -34.12 -20.40
C ASN B 438 23.02 -34.51 -20.91
N LYS B 439 22.81 -34.34 -22.21
CA LYS B 439 21.54 -34.66 -22.84
C LYS B 439 21.08 -36.08 -22.49
N GLN B 440 21.93 -37.06 -22.76
CA GLN B 440 21.62 -38.46 -22.50
C GLN B 440 21.31 -38.81 -21.04
N VAL B 441 22.00 -38.16 -20.12
CA VAL B 441 21.76 -38.41 -18.70
C VAL B 441 20.41 -37.81 -18.30
N ASP B 442 20.13 -36.62 -18.80
CA ASP B 442 18.87 -35.97 -18.49
C ASP B 442 17.72 -36.84 -18.96
N ASP B 443 17.85 -37.37 -20.17
CA ASP B 443 16.81 -38.22 -20.75
C ASP B 443 16.66 -39.55 -20.04
N PHE B 444 17.79 -40.19 -19.72
CA PHE B 444 17.72 -41.46 -19.04
C PHE B 444 16.96 -41.33 -17.74
N LEU B 445 17.25 -40.27 -16.98
CA LEU B 445 16.56 -40.06 -15.72
C LEU B 445 15.08 -39.88 -15.98
N ALA B 446 14.78 -39.14 -17.05
CA ALA B 446 13.40 -38.87 -17.44
C ALA B 446 12.67 -40.15 -17.79
N GLN B 447 13.28 -40.98 -18.63
CA GLN B 447 12.67 -42.25 -19.04
C GLN B 447 12.44 -43.23 -17.91
N ALA B 448 13.46 -43.41 -17.07
CA ALA B 448 13.38 -44.33 -15.93
C ALA B 448 12.10 -44.10 -15.16
N LEU B 449 11.77 -42.83 -14.97
CA LEU B 449 10.59 -42.41 -14.25
C LEU B 449 9.29 -42.71 -15.01
N LYS B 450 9.40 -43.01 -16.30
CA LYS B 450 8.21 -43.29 -17.08
C LYS B 450 7.91 -44.77 -17.31
N THR B 451 8.69 -45.64 -16.68
CA THR B 451 8.46 -47.07 -16.81
C THR B 451 8.62 -47.77 -15.46
N ASN B 452 7.92 -48.88 -15.27
CA ASN B 452 8.02 -49.63 -14.03
C ASN B 452 8.68 -50.98 -14.29
N ASP B 453 9.37 -51.05 -15.44
CA ASP B 453 10.09 -52.24 -15.85
C ASP B 453 11.36 -52.25 -15.02
N PRO B 454 11.46 -53.17 -14.05
CA PRO B 454 12.65 -53.27 -13.19
C PRO B 454 13.92 -53.41 -14.01
N ALA B 455 13.84 -54.22 -15.05
CA ALA B 455 14.99 -54.46 -15.93
C ALA B 455 15.34 -53.18 -16.65
N GLU B 456 14.33 -52.46 -17.13
CA GLU B 456 14.54 -51.22 -17.85
C GLU B 456 15.16 -50.15 -16.98
N LYS B 457 14.59 -49.95 -15.79
CA LYS B 457 15.09 -48.95 -14.87
C LYS B 457 16.52 -49.24 -14.48
N THR B 458 16.85 -50.53 -14.30
CA THR B 458 18.22 -50.87 -13.98
C THR B 458 19.07 -50.40 -15.14
N ARG B 459 18.57 -50.64 -16.35
CA ARG B 459 19.26 -50.27 -17.59
C ARG B 459 19.46 -48.76 -17.73
N LEU B 460 18.36 -48.02 -17.67
CA LEU B 460 18.42 -46.56 -17.80
C LEU B 460 19.30 -45.90 -16.74
N TYR B 461 19.30 -46.45 -15.53
CA TYR B 461 20.11 -45.88 -14.47
C TYR B 461 21.60 -46.23 -14.58
N LYS B 462 21.92 -47.38 -15.17
CA LYS B 462 23.31 -47.77 -15.35
C LYS B 462 23.95 -46.90 -16.43
N ALA B 463 23.17 -46.64 -17.47
CA ALA B 463 23.61 -45.81 -18.59
C ALA B 463 23.92 -44.41 -18.08
N ALA B 464 22.97 -43.84 -17.34
CA ALA B 464 23.15 -42.50 -16.78
C ALA B 464 24.39 -42.49 -15.92
N GLN B 465 24.49 -43.48 -15.02
CA GLN B 465 25.62 -43.59 -14.12
C GLN B 465 26.94 -43.87 -14.83
N ASP B 466 26.90 -44.59 -15.94
CA ASP B 466 28.12 -44.87 -16.69
C ASP B 466 28.68 -43.58 -17.30
N ILE B 467 27.78 -42.69 -17.74
CA ILE B 467 28.18 -41.42 -18.31
C ILE B 467 28.74 -40.50 -17.23
N ILE B 468 28.02 -40.38 -16.12
CA ILE B 468 28.47 -39.51 -15.06
C ILE B 468 29.84 -39.91 -14.56
N TRP B 469 30.02 -41.18 -14.22
CA TRP B 469 31.29 -41.66 -13.71
C TRP B 469 32.46 -41.37 -14.65
N GLN B 470 32.20 -41.31 -15.95
CA GLN B 470 33.29 -41.05 -16.89
C GLN B 470 33.54 -39.56 -17.13
N GLU B 471 32.48 -38.75 -17.22
CA GLU B 471 32.67 -37.31 -17.43
C GLU B 471 33.38 -36.75 -16.21
N SER B 472 33.27 -37.46 -15.09
CA SER B 472 33.90 -37.08 -13.84
C SER B 472 33.69 -35.64 -13.42
N PRO B 473 32.45 -35.24 -13.14
CA PRO B 473 32.20 -33.85 -12.72
C PRO B 473 32.43 -33.74 -11.21
N TRP B 474 32.69 -34.89 -10.60
CA TRP B 474 32.92 -35.00 -9.16
C TRP B 474 34.26 -35.65 -8.79
N ILE B 475 34.54 -35.59 -7.48
CA ILE B 475 35.70 -36.19 -6.86
C ILE B 475 35.03 -36.99 -5.73
N PRO B 476 34.37 -38.10 -6.10
CA PRO B 476 33.68 -38.96 -5.15
C PRO B 476 34.61 -39.48 -4.07
N LEU B 477 34.54 -38.86 -2.89
CA LEU B 477 35.40 -39.24 -1.79
C LEU B 477 35.05 -40.57 -1.12
N VAL B 478 34.00 -40.60 -0.32
CA VAL B 478 33.66 -41.85 0.36
C VAL B 478 32.17 -42.01 0.67
N VAL B 479 31.83 -43.20 1.17
CA VAL B 479 30.47 -43.50 1.58
C VAL B 479 30.59 -43.92 3.04
N GLU B 480 30.15 -43.04 3.94
CA GLU B 480 30.23 -43.30 5.36
C GLU B 480 29.64 -44.64 5.80
N LYS B 481 30.05 -45.09 6.98
CA LYS B 481 29.52 -46.30 7.57
C LYS B 481 28.81 -45.78 8.81
N LEU B 482 27.70 -46.39 9.19
CA LEU B 482 27.01 -45.94 10.38
C LEU B 482 27.62 -46.70 11.55
N VAL B 483 27.84 -46.01 12.66
CA VAL B 483 28.41 -46.65 13.83
C VAL B 483 27.38 -46.65 14.95
N SER B 484 26.84 -47.82 15.25
CA SER B 484 25.85 -47.96 16.31
C SER B 484 26.32 -49.04 17.24
N ALA B 485 25.73 -49.11 18.42
CA ALA B 485 26.12 -50.11 19.38
C ALA B 485 24.97 -50.46 20.31
N HIS B 486 24.98 -51.67 20.85
CA HIS B 486 23.91 -52.09 21.76
C HIS B 486 24.30 -53.19 22.73
N SER B 487 23.54 -53.25 23.82
CA SER B 487 23.72 -54.25 24.86
C SER B 487 23.43 -55.64 24.29
N LYS B 488 24.36 -56.57 24.46
CA LYS B 488 24.21 -57.94 23.97
C LYS B 488 22.81 -58.48 24.20
N ASN B 489 22.20 -58.12 25.32
CA ASN B 489 20.86 -58.58 25.66
C ASN B 489 19.80 -58.25 24.62
N LEU B 490 19.95 -57.10 23.98
CA LEU B 490 18.99 -56.64 22.99
C LEU B 490 19.19 -57.33 21.64
N THR B 491 18.14 -57.96 21.13
CA THR B 491 18.20 -58.65 19.85
C THR B 491 17.11 -58.11 18.94
N GLY B 492 17.36 -58.15 17.64
CA GLY B 492 16.39 -57.67 16.68
C GLY B 492 16.16 -56.18 16.60
N PHE B 493 17.11 -55.37 17.05
CA PHE B 493 16.94 -53.92 16.96
C PHE B 493 18.04 -53.39 16.05
N TRP B 494 17.70 -53.20 14.77
CA TRP B 494 18.66 -52.77 13.77
C TRP B 494 18.67 -51.31 13.35
N ILE B 495 19.84 -50.82 12.98
CA ILE B 495 19.96 -49.47 12.49
C ILE B 495 19.89 -49.70 10.98
N MSE B 496 19.42 -48.71 10.22
CA MSE B 496 19.31 -48.86 8.78
C MSE B 496 20.21 -47.89 8.03
O MSE B 496 20.60 -46.84 8.56
CB MSE B 496 17.86 -48.65 8.35
CG MSE B 496 16.89 -49.70 8.87
SE MSE B 496 15.06 -49.12 8.66
CE MSE B 496 14.91 -49.23 6.73
N PRO B 497 20.55 -48.23 6.77
CA PRO B 497 21.41 -47.37 5.95
C PRO B 497 20.98 -45.90 5.96
N ASP B 498 19.68 -45.66 6.09
CA ASP B 498 19.15 -44.30 6.10
C ASP B 498 19.09 -43.72 7.52
N THR B 499 19.65 -44.45 8.49
CA THR B 499 19.69 -44.07 9.90
C THR B 499 18.40 -44.26 10.67
N GLY B 500 17.43 -44.95 10.06
CA GLY B 500 16.18 -45.22 10.75
C GLY B 500 16.43 -46.51 11.53
N PHE B 501 15.42 -47.02 12.23
CA PHE B 501 15.60 -48.26 13.00
C PHE B 501 14.59 -49.34 12.67
N SER B 502 15.04 -50.57 12.64
CA SER B 502 14.17 -51.70 12.37
C SER B 502 14.09 -52.53 13.66
N PHE B 503 12.90 -52.63 14.25
CA PHE B 503 12.76 -53.37 15.50
C PHE B 503 11.46 -54.13 15.65
N GLU B 504 11.02 -54.74 14.56
CA GLU B 504 9.78 -55.50 14.55
C GLU B 504 9.83 -56.62 15.57
N ASP B 505 11.01 -57.25 15.70
CA ASP B 505 11.20 -58.35 16.64
C ASP B 505 12.16 -58.04 17.78
N ALA B 506 12.38 -56.77 18.06
CA ALA B 506 13.26 -56.40 19.15
C ALA B 506 12.86 -57.24 20.36
N ASP B 507 13.84 -57.75 21.09
CA ASP B 507 13.56 -58.55 22.26
C ASP B 507 14.71 -58.49 23.27
N LEU B 508 14.37 -58.55 24.56
CA LEU B 508 15.39 -58.52 25.61
C LEU B 508 15.79 -59.92 26.08
N GLN B 509 17.10 -60.18 26.06
CA GLN B 509 17.69 -61.47 26.44
C GLN B 509 17.52 -62.44 25.26
ZN ZN C . -11.36 59.38 2.50
ZN ZN D . -29.50 72.76 7.79
ZN ZN E . -27.46 74.88 7.85
ZN ZN F . -27.51 50.92 25.48
ZN ZN G . -29.64 53.03 25.27
ZN ZN H . -18.61 36.15 26.34
ZN ZN I . -31.97 29.64 8.67
ZN ZN J . -34.01 29.12 10.79
ZN ZN K . -7.53 10.03 -20.63
ZN ZN L . -0.35 37.24 8.21
C1 GOL M . -33.46 45.52 5.71
O1 GOL M . -33.06 46.96 6.36
C2 GOL M . -32.59 44.43 5.51
O2 GOL M . -31.70 44.33 6.53
C3 GOL M . -32.85 43.85 4.48
O3 GOL M . -33.56 43.46 3.13
C1 GOL N . -29.56 41.69 -10.36
O1 GOL N . -28.57 40.50 -9.87
C2 GOL N . -30.20 41.77 -11.60
O2 GOL N . -29.39 42.27 -12.58
C3 GOL N . -31.36 41.38 -11.50
O3 GOL N . -32.68 40.81 -10.87
ZN ZN O . 3.70 -25.96 8.47
ZN ZN P . 23.37 -56.06 16.52
#